data_3DEL
#
_entry.id   3DEL
#
_cell.length_a   40.072
_cell.length_b   121.875
_cell.length_c   170.097
_cell.angle_alpha   90.00
_cell.angle_beta   95.38
_cell.angle_gamma   90.00
#
_symmetry.space_group_name_H-M   'P 1 21 1'
#
loop_
_entity.id
_entity.type
_entity.pdbx_description
1 polymer 'Arginine Binding Protein'
2 water water
#
_entity_poly.entity_id   1
_entity_poly.type   'polypeptide(L)'
_entity_poly.pdbx_seq_one_letter_code
;CLKEGGDSNSEKFIVGTNATYPPFEFVDKRGEVVGFDIDLAREISNKLGKTLDVREFSFDALILNLKQHRIDAVITGMSI
TPSRLKEILMIPYYGEEIKHLVLVFKGENKHPLPLTQYRSVAVQTGTYQEAYLQSLSEVHIRSFDSTLEVLMEVMHGKSP
VAVLEPSIAQVVLKDFPALSTATIDLPEDQWVLGYGIGVASDRPALALKIEAAVQEIRKEGVLAELEQKWGLNNLEHHHH
HH
;
_entity_poly.pdbx_strand_id   B,C,D,F
#
# COMPACT_ATOMS: atom_id res chain seq x y z
N GLU A 11 -12.16 7.84 61.50
CA GLU A 11 -12.99 8.73 60.63
C GLU A 11 -13.04 8.21 59.19
N LYS A 12 -13.70 8.95 58.31
CA LYS A 12 -13.96 8.48 56.95
C LYS A 12 -13.08 9.14 55.87
N PHE A 13 -12.76 8.36 54.84
CA PHE A 13 -12.10 8.85 53.63
C PHE A 13 -13.17 8.81 52.54
N ILE A 14 -13.71 9.99 52.22
CA ILE A 14 -14.83 10.11 51.30
C ILE A 14 -14.32 10.30 49.88
N VAL A 15 -14.69 9.38 48.98
CA VAL A 15 -14.22 9.41 47.59
C VAL A 15 -15.38 9.66 46.63
N GLY A 16 -15.22 10.65 45.77
CA GLY A 16 -16.20 10.99 44.74
C GLY A 16 -15.86 10.33 43.41
N THR A 17 -16.86 9.69 42.82
CA THR A 17 -16.69 9.00 41.54
C THR A 17 -17.92 9.14 40.64
N ASN A 18 -17.70 8.91 39.34
CA ASN A 18 -18.77 8.81 38.35
C ASN A 18 -18.69 7.42 37.73
N ALA A 19 -19.60 6.53 38.15
CA ALA A 19 -19.51 5.09 37.83
C ALA A 19 -19.97 4.72 36.40
N THR A 20 -19.25 5.23 35.40
CA THR A 20 -19.61 5.11 33.98
C THR A 20 -18.43 4.69 33.10
N TYR A 21 -17.36 4.19 33.72
CA TYR A 21 -16.10 4.03 32.99
C TYR A 21 -15.39 2.72 33.32
N PRO A 22 -15.88 1.60 32.76
CA PRO A 22 -15.14 0.34 32.96
C PRO A 22 -13.78 0.40 32.25
N PRO A 23 -12.74 -0.24 32.82
CA PRO A 23 -12.68 -1.01 34.06
C PRO A 23 -12.40 -0.21 35.35
N PHE A 24 -12.32 1.13 35.25
CA PHE A 24 -12.03 2.00 36.41
C PHE A 24 -13.16 2.00 37.45
N GLU A 25 -14.38 2.32 37.02
CA GLU A 25 -15.57 2.23 37.87
C GLU A 25 -16.82 1.99 37.04
N PHE A 26 -17.68 1.12 37.56
CA PHE A 26 -18.96 0.80 36.92
C PHE A 26 -19.90 0.13 37.93
N VAL A 27 -21.16 -0.06 37.54
CA VAL A 27 -22.16 -0.56 38.48
C VAL A 27 -22.37 -2.04 38.22
N ASP A 28 -22.24 -2.85 39.27
CA ASP A 28 -22.58 -4.28 39.20
C ASP A 28 -24.09 -4.54 39.28
N LYS A 29 -24.48 -5.81 39.20
CA LYS A 29 -25.89 -6.18 39.23
C LYS A 29 -26.51 -6.10 40.63
N ARG A 30 -25.69 -5.86 41.65
CA ARG A 30 -26.15 -5.51 43.01
C ARG A 30 -26.52 -4.03 43.11
N GLY A 31 -26.13 -3.24 42.12
CA GLY A 31 -26.30 -1.79 42.18
C GLY A 31 -25.15 -1.09 42.87
N GLU A 32 -24.09 -1.83 43.19
CA GLU A 32 -22.90 -1.28 43.85
C GLU A 32 -21.81 -0.87 42.84
N VAL A 33 -21.02 0.15 43.19
CA VAL A 33 -19.92 0.59 42.34
C VAL A 33 -18.68 -0.28 42.58
N VAL A 34 -18.17 -0.85 41.50
CA VAL A 34 -16.97 -1.69 41.54
C VAL A 34 -15.94 -1.21 40.51
N GLY A 35 -14.74 -1.76 40.56
CA GLY A 35 -13.74 -1.50 39.53
C GLY A 35 -12.36 -1.25 40.12
N PHE A 36 -11.39 -1.08 39.23
CA PHE A 36 -10.00 -0.83 39.61
C PHE A 36 -9.85 0.32 40.61
N ASP A 37 -10.53 1.45 40.33
CA ASP A 37 -10.48 2.64 41.19
C ASP A 37 -11.08 2.39 42.57
N ILE A 38 -12.11 1.53 42.65
CA ILE A 38 -12.78 1.20 43.91
C ILE A 38 -11.88 0.34 44.80
N ASP A 39 -11.23 -0.64 44.19
CA ASP A 39 -10.25 -1.48 44.87
C ASP A 39 -9.02 -0.65 45.29
N LEU A 40 -8.58 0.27 44.43
CA LEU A 40 -7.49 1.20 44.75
C LEU A 40 -7.88 2.15 45.90
N ALA A 41 -9.10 2.70 45.85
CA ALA A 41 -9.60 3.57 46.92
C ALA A 41 -9.64 2.87 48.28
N ARG A 42 -10.01 1.58 48.28
CA ARG A 42 -10.04 0.79 49.51
C ARG A 42 -8.64 0.55 50.06
N GLU A 43 -7.70 0.21 49.19
CA GLU A 43 -6.28 0.06 49.56
C GLU A 43 -5.72 1.35 50.15
N ILE A 44 -6.02 2.48 49.50
CA ILE A 44 -5.59 3.80 49.97
C ILE A 44 -6.20 4.11 51.35
N SER A 45 -7.49 3.84 51.52
CA SER A 45 -8.16 4.10 52.80
C SER A 45 -7.55 3.26 53.94
N ASN A 46 -7.15 2.02 53.64
CA ASN A 46 -6.45 1.16 54.60
C ASN A 46 -5.10 1.74 55.03
N LYS A 47 -4.32 2.24 54.06
CA LYS A 47 -3.02 2.88 54.33
C LYS A 47 -3.17 4.16 55.16
N LEU A 48 -4.24 4.92 54.90
CA LEU A 48 -4.54 6.14 55.66
C LEU A 48 -5.13 5.85 57.05
N GLY A 49 -5.64 4.64 57.23
CA GLY A 49 -6.27 4.24 58.49
C GLY A 49 -7.68 4.83 58.62
N LYS A 50 -8.38 4.88 57.50
CA LYS A 50 -9.72 5.46 57.41
C LYS A 50 -10.74 4.46 56.85
N THR A 51 -12.03 4.75 57.06
CA THR A 51 -13.12 3.97 56.46
C THR A 51 -13.53 4.62 55.12
N LEU A 52 -13.43 3.85 54.04
CA LEU A 52 -13.81 4.31 52.71
C LEU A 52 -15.31 4.62 52.62
N ASP A 53 -15.64 5.76 52.02
CA ASP A 53 -17.03 6.16 51.77
C ASP A 53 -17.13 6.62 50.31
N VAL A 54 -17.59 5.71 49.44
CA VAL A 54 -17.71 6.00 48.02
C VAL A 54 -19.04 6.68 47.72
N ARG A 55 -18.97 7.85 47.09
CA ARG A 55 -20.16 8.61 46.71
C ARG A 55 -20.19 8.93 45.21
N GLU A 56 -21.35 8.71 44.59
CA GLU A 56 -21.53 8.91 43.15
C GLU A 56 -21.99 10.32 42.84
N PHE A 57 -21.45 10.88 41.77
CA PHE A 57 -21.80 12.21 41.28
C PHE A 57 -21.75 12.19 39.78
N SER A 58 -22.44 13.14 39.14
CA SER A 58 -22.16 13.46 37.73
C SER A 58 -20.71 13.93 37.62
N PHE A 59 -20.06 13.59 36.51
CA PHE A 59 -18.65 13.92 36.33
C PHE A 59 -18.39 15.43 36.50
N ASP A 60 -19.23 16.25 35.86
CA ASP A 60 -19.10 17.71 35.91
C ASP A 60 -19.27 18.34 37.30
N ALA A 61 -19.70 17.54 38.28
CA ALA A 61 -19.91 18.03 39.65
C ALA A 61 -18.80 17.60 40.64
N LEU A 62 -17.88 16.75 40.19
CA LEU A 62 -16.84 16.19 41.06
C LEU A 62 -15.84 17.22 41.62
N ILE A 63 -15.26 18.04 40.75
CA ILE A 63 -14.27 19.05 41.17
C ILE A 63 -14.85 20.08 42.14
N LEU A 64 -16.06 20.58 41.84
CA LEU A 64 -16.74 21.53 42.73
C LEU A 64 -16.94 20.98 44.15
N ASN A 65 -17.32 19.70 44.24
CA ASN A 65 -17.53 19.04 45.54
C ASN A 65 -16.22 18.85 46.31
N LEU A 66 -15.15 18.56 45.59
CA LEU A 66 -13.79 18.43 46.14
C LEU A 66 -13.30 19.75 46.72
N LYS A 67 -13.47 20.83 45.96
CA LYS A 67 -13.10 22.18 46.40
C LYS A 67 -13.92 22.66 47.61
N GLN A 68 -15.16 22.19 47.70
CA GLN A 68 -16.06 22.54 48.82
C GLN A 68 -15.87 21.64 50.05
N HIS A 69 -14.93 20.71 49.96
CA HIS A 69 -14.59 19.74 51.04
C HIS A 69 -15.73 18.77 51.41
N ARG A 70 -16.68 18.56 50.50
CA ARG A 70 -17.76 17.60 50.72
C ARG A 70 -17.28 16.18 50.48
N ILE A 71 -16.25 16.07 49.65
CA ILE A 71 -15.52 14.83 49.40
CA ILE A 71 -15.51 14.82 49.45
C ILE A 71 -14.04 15.08 49.70
N ASP A 72 -13.30 14.03 50.06
CA ASP A 72 -11.86 14.13 50.36
C ASP A 72 -10.95 13.90 49.13
N ALA A 73 -11.42 13.08 48.20
CA ALA A 73 -10.67 12.74 46.98
C ALA A 73 -11.59 12.38 45.83
N VAL A 74 -11.13 12.62 44.61
CA VAL A 74 -11.81 12.20 43.40
C VAL A 74 -10.98 11.09 42.74
N ILE A 75 -11.60 9.91 42.60
CA ILE A 75 -10.98 8.82 41.83
C ILE A 75 -12.03 8.33 40.85
N THR A 76 -11.81 8.61 39.57
CA THR A 76 -12.84 8.42 38.55
C THR A 76 -12.26 8.23 37.13
N GLY A 77 -11.06 7.65 37.04
CA GLY A 77 -10.37 7.50 35.75
C GLY A 77 -10.14 8.85 35.11
N MET A 78 -9.76 9.83 35.93
CA MET A 78 -9.59 11.21 35.49
C MET A 78 -8.16 11.42 34.95
N SER A 79 -8.07 11.94 33.74
CA SER A 79 -6.78 12.26 33.13
C SER A 79 -6.12 13.43 33.87
N ILE A 80 -4.82 13.32 34.08
CA ILE A 80 -4.01 14.45 34.58
C ILE A 80 -3.71 15.40 33.42
N THR A 81 -4.31 16.58 33.46
CA THR A 81 -4.11 17.57 32.41
C THR A 81 -3.49 18.83 33.05
N PRO A 82 -2.66 19.57 32.29
CA PRO A 82 -2.13 20.85 32.78
C PRO A 82 -3.21 21.82 33.26
N SER A 83 -4.36 21.83 32.59
CA SER A 83 -5.50 22.66 32.99
C SER A 83 -6.02 22.30 34.39
N ARG A 84 -6.19 21.00 34.64
CA ARG A 84 -6.66 20.54 35.95
C ARG A 84 -5.66 20.76 37.08
N LEU A 85 -4.38 20.56 36.78
CA LEU A 85 -3.30 20.81 37.75
C LEU A 85 -3.26 22.25 38.27
N LYS A 86 -3.82 23.18 37.48
CA LYS A 86 -4.04 24.57 37.89
C LYS A 86 -5.05 24.72 39.02
N GLU A 87 -6.00 23.79 39.09
CA GLU A 87 -7.18 23.89 39.96
C GLU A 87 -7.08 23.02 41.20
N ILE A 88 -6.47 21.85 41.03
CA ILE A 88 -6.42 20.82 42.07
C ILE A 88 -5.06 20.13 42.10
N LEU A 89 -4.82 19.32 43.13
CA LEU A 89 -3.67 18.43 43.16
C LEU A 89 -4.08 17.07 42.59
N MET A 90 -3.14 16.39 41.95
CA MET A 90 -3.39 15.06 41.36
CA MET A 90 -3.39 15.07 41.36
C MET A 90 -2.21 14.12 41.60
N ILE A 91 -2.52 12.97 42.17
CA ILE A 91 -1.53 11.92 42.46
C ILE A 91 -1.68 10.82 41.40
N PRO A 92 -0.63 10.63 40.56
CA PRO A 92 -0.72 9.62 39.47
C PRO A 92 -0.73 8.20 40.03
N TYR A 93 -1.50 7.31 39.40
CA TYR A 93 -1.53 5.91 39.83
C TYR A 93 -1.50 4.91 38.68
N TYR A 94 -1.69 5.38 37.46
CA TYR A 94 -1.65 4.53 36.27
C TYR A 94 -1.46 5.36 35.00
N GLY A 95 -0.78 4.76 34.02
CA GLY A 95 -0.73 5.32 32.67
C GLY A 95 0.56 6.02 32.33
N GLU A 96 0.96 5.90 31.05
CA GLU A 96 2.07 6.63 30.48
C GLU A 96 1.75 8.11 30.35
N GLU A 97 2.74 8.97 30.56
CA GLU A 97 2.61 10.38 30.20
C GLU A 97 2.64 10.50 28.66
N ILE A 98 1.65 11.18 28.10
CA ILE A 98 1.60 11.43 26.66
C ILE A 98 1.83 12.92 26.35
N LYS A 99 3.06 13.24 25.93
CA LYS A 99 3.42 14.61 25.58
C LYS A 99 3.79 14.73 24.10
N HIS A 100 3.88 13.58 23.42
CA HIS A 100 4.17 13.52 21.99
C HIS A 100 3.57 12.25 21.38
N LEU A 101 3.43 12.23 20.07
CA LEU A 101 2.97 11.03 19.36
C LEU A 101 4.00 10.62 18.31
N VAL A 102 3.85 9.43 17.76
CA VAL A 102 4.79 8.94 16.77
C VAL A 102 4.07 8.83 15.43
N LEU A 103 4.59 9.54 14.44
CA LEU A 103 4.12 9.41 13.07
C LEU A 103 4.90 8.30 12.36
N VAL A 104 4.18 7.39 11.72
CA VAL A 104 4.76 6.18 11.13
C VAL A 104 4.47 6.17 9.61
N PHE A 105 5.49 5.85 8.82
CA PHE A 105 5.39 5.88 7.35
C PHE A 105 6.45 4.99 6.68
N LYS A 106 6.27 4.70 5.39
CA LYS A 106 7.28 4.00 4.60
C LYS A 106 8.12 5.00 3.82
N GLY A 107 9.43 4.90 3.94
CA GLY A 107 10.34 5.70 3.13
C GLY A 107 10.57 7.09 3.70
N GLU A 108 10.65 8.08 2.81
CA GLU A 108 11.01 9.45 3.17
C GLU A 108 9.78 10.27 3.56
N ASN A 109 9.95 11.17 4.53
CA ASN A 109 8.94 12.17 4.87
C ASN A 109 9.63 13.48 5.25
N LYS A 110 9.83 14.35 4.25
CA LYS A 110 10.60 15.59 4.42
C LYS A 110 9.92 16.58 5.36
N HIS A 111 8.60 16.67 5.25
CA HIS A 111 7.79 17.56 6.09
C HIS A 111 6.66 16.75 6.75
N PRO A 112 6.93 16.14 7.91
CA PRO A 112 5.90 15.29 8.56
C PRO A 112 4.62 16.07 8.92
N LEU A 113 4.76 17.37 9.18
CA LEU A 113 3.65 18.24 9.53
C LEU A 113 3.38 19.26 8.43
N PRO A 114 2.15 19.81 8.35
CA PRO A 114 0.98 19.53 9.19
C PRO A 114 0.29 18.21 8.81
N LEU A 115 -0.50 17.67 9.73
CA LEU A 115 -1.21 16.41 9.51
C LEU A 115 -2.36 16.56 8.52
N THR A 116 -2.73 17.82 8.24
CA THR A 116 -3.76 18.17 7.25
C THR A 116 -3.35 17.86 5.80
N GLN A 117 -2.05 17.66 5.58
CA GLN A 117 -1.51 17.39 4.23
C GLN A 117 -1.84 15.99 3.69
N TYR A 118 -2.14 15.05 4.59
CA TYR A 118 -2.28 13.63 4.22
C TYR A 118 -3.67 13.30 3.75
N ARG A 119 -3.76 12.48 2.69
CA ARG A 119 -5.06 12.04 2.21
C ARG A 119 -5.83 11.29 3.31
N SER A 120 -5.10 10.54 4.14
CA SER A 120 -5.65 9.92 5.35
C SER A 120 -4.58 9.62 6.39
N VAL A 121 -4.99 9.56 7.66
CA VAL A 121 -4.09 9.24 8.76
C VAL A 121 -4.68 8.06 9.50
N ALA A 122 -3.95 6.95 9.53
CA ALA A 122 -4.41 5.74 10.21
C ALA A 122 -4.20 5.84 11.73
N VAL A 123 -5.21 5.41 12.47
CA VAL A 123 -5.17 5.49 13.94
C VAL A 123 -6.10 4.42 14.55
N GLN A 124 -5.80 4.04 15.79
CA GLN A 124 -6.62 3.06 16.50
C GLN A 124 -7.81 3.73 17.20
N THR A 125 -8.99 3.18 16.97
CA THR A 125 -10.22 3.57 17.66
C THR A 125 -10.07 3.55 19.18
N GLY A 126 -10.59 4.58 19.85
CA GLY A 126 -10.69 4.62 21.32
C GLY A 126 -9.43 5.07 22.07
N THR A 127 -8.40 5.45 21.33
CA THR A 127 -7.13 5.86 21.91
C THR A 127 -7.09 7.38 22.10
N TYR A 128 -6.15 7.85 22.91
CA TYR A 128 -6.01 9.29 23.06
C TYR A 128 -5.57 9.94 21.75
N GLN A 129 -4.66 9.29 21.02
CA GLN A 129 -4.22 9.80 19.72
C GLN A 129 -5.38 10.01 18.72
N GLU A 130 -6.38 9.13 18.75
CA GLU A 130 -7.59 9.33 17.93
C GLU A 130 -8.33 10.62 18.31
N ALA A 131 -8.57 10.81 19.62
CA ALA A 131 -9.21 12.01 20.12
C ALA A 131 -8.43 13.28 19.75
N TYR A 132 -7.11 13.21 19.87
CA TYR A 132 -6.26 14.33 19.45
C TYR A 132 -6.44 14.65 17.97
N LEU A 133 -6.41 13.62 17.12
CA LEU A 133 -6.62 13.80 15.68
C LEU A 133 -8.00 14.38 15.38
N GLN A 134 -9.02 13.92 16.09
CA GLN A 134 -10.39 14.45 15.92
C GLN A 134 -10.51 15.93 16.28
N SER A 135 -9.68 16.38 17.21
CA SER A 135 -9.69 17.78 17.65
C SER A 135 -9.12 18.72 16.58
N LEU A 136 -8.31 18.15 15.68
CA LEU A 136 -7.64 18.93 14.64
C LEU A 136 -8.56 19.20 13.44
N SER A 137 -8.59 20.46 13.03
CA SER A 137 -9.36 20.87 11.86
C SER A 137 -8.72 20.31 10.58
N GLU A 138 -9.57 19.79 9.70
CA GLU A 138 -9.16 19.30 8.37
C GLU A 138 -8.12 18.17 8.36
N VAL A 139 -8.20 17.26 9.33
CA VAL A 139 -7.40 16.03 9.30
C VAL A 139 -8.33 14.84 9.02
N HIS A 140 -8.02 14.10 7.95
CA HIS A 140 -8.80 12.95 7.51
C HIS A 140 -8.30 11.66 8.15
N ILE A 141 -9.14 11.08 9.01
CA ILE A 141 -8.77 9.89 9.77
C ILE A 141 -9.37 8.60 9.18
N ARG A 142 -8.57 7.53 9.18
CA ARG A 142 -9.05 6.17 8.96
C ARG A 142 -8.84 5.46 10.31
N SER A 143 -9.95 5.08 10.98
CA SER A 143 -9.86 4.45 12.29
CA SER A 143 -9.88 4.44 12.29
C SER A 143 -10.02 2.92 12.24
N PHE A 144 -9.23 2.22 13.06
CA PHE A 144 -9.23 0.75 13.09
C PHE A 144 -9.31 0.20 14.52
N ASP A 145 -9.79 -1.03 14.68
CA ASP A 145 -9.89 -1.67 16.01
C ASP A 145 -8.54 -2.01 16.65
N SER A 146 -7.51 -2.26 15.84
CA SER A 146 -6.25 -2.76 16.37
C SER A 146 -5.04 -2.08 15.76
N THR A 147 -3.94 -2.11 16.53
CA THR A 147 -2.65 -1.63 16.03
C THR A 147 -2.23 -2.42 14.78
N LEU A 148 -2.48 -3.73 14.77
CA LEU A 148 -2.18 -4.57 13.60
C LEU A 148 -2.81 -3.98 12.34
N GLU A 149 -4.11 -3.66 12.40
CA GLU A 149 -4.81 -3.04 11.28
C GLU A 149 -4.29 -1.65 10.91
N VAL A 150 -4.01 -0.83 11.92
CA VAL A 150 -3.40 0.48 11.69
C VAL A 150 -2.10 0.35 10.83
N LEU A 151 -1.20 -0.55 11.24
CA LEU A 151 0.10 -0.71 10.58
C LEU A 151 0.00 -1.39 9.20
N MET A 152 -0.90 -2.37 9.07
CA MET A 152 -1.09 -3.02 7.76
C MET A 152 -1.67 -2.06 6.72
N GLU A 153 -2.53 -1.14 7.16
CA GLU A 153 -3.04 -0.05 6.33
C GLU A 153 -1.88 0.74 5.65
N VAL A 154 -0.85 1.08 6.43
CA VAL A 154 0.35 1.75 5.92
C VAL A 154 1.23 0.82 5.06
N MET A 155 1.45 -0.41 5.52
CA MET A 155 2.23 -1.41 4.76
C MET A 155 1.69 -1.65 3.34
N HIS A 156 0.36 -1.63 3.20
CA HIS A 156 -0.29 -1.86 1.90
C HIS A 156 -0.47 -0.58 1.07
N GLY A 157 -0.01 0.55 1.62
CA GLY A 157 -0.08 1.85 0.94
C GLY A 157 -1.49 2.42 0.84
N LYS A 158 -2.37 1.99 1.74
CA LYS A 158 -3.76 2.47 1.77
C LYS A 158 -3.90 3.82 2.48
N SER A 159 -3.08 4.04 3.50
CA SER A 159 -2.85 5.38 4.06
C SER A 159 -1.35 5.71 4.04
N PRO A 160 -0.99 7.00 3.78
CA PRO A 160 0.44 7.38 3.77
C PRO A 160 1.11 7.33 5.15
N VAL A 161 0.34 7.56 6.21
CA VAL A 161 0.89 7.65 7.56
C VAL A 161 -0.05 7.00 8.59
N ALA A 162 0.53 6.62 9.73
CA ALA A 162 -0.25 6.28 10.94
C ALA A 162 0.29 7.04 12.15
N VAL A 163 -0.53 7.12 13.19
CA VAL A 163 -0.12 7.74 14.46
C VAL A 163 -0.27 6.70 15.58
N LEU A 164 0.82 6.51 16.34
CA LEU A 164 0.85 5.67 17.53
C LEU A 164 1.22 6.46 18.79
N GLU A 165 0.78 5.95 19.93
CA GLU A 165 1.29 6.42 21.23
C GLU A 165 2.71 5.86 21.40
N PRO A 166 3.65 6.68 21.90
CA PRO A 166 5.07 6.31 22.00
C PRO A 166 5.40 4.96 22.66
N SER A 167 4.76 4.61 23.78
CA SER A 167 5.10 3.35 24.46
C SER A 167 4.71 2.12 23.63
N ILE A 168 3.65 2.26 22.84
CA ILE A 168 3.23 1.18 21.93
C ILE A 168 4.18 1.10 20.73
N ALA A 169 4.49 2.26 20.13
CA ALA A 169 5.44 2.34 19.01
C ALA A 169 6.76 1.64 19.35
N GLN A 170 7.28 1.89 20.56
CA GLN A 170 8.51 1.26 21.05
C GLN A 170 8.48 -0.28 21.04
N VAL A 171 7.32 -0.86 21.31
CA VAL A 171 7.20 -2.31 21.38
C VAL A 171 6.97 -2.90 19.98
N VAL A 172 6.03 -2.32 19.22
CA VAL A 172 5.50 -3.01 18.02
C VAL A 172 6.36 -2.84 16.76
N LEU A 173 7.05 -1.70 16.64
CA LEU A 173 7.77 -1.35 15.41
C LEU A 173 8.97 -2.21 15.09
N LYS A 174 9.47 -2.94 16.09
CA LYS A 174 10.55 -3.90 15.87
C LYS A 174 10.16 -4.97 14.82
N ASP A 175 8.85 -5.21 14.68
CA ASP A 175 8.34 -6.20 13.73
C ASP A 175 8.13 -5.62 12.33
N PHE A 176 8.39 -4.33 12.17
CA PHE A 176 8.11 -3.60 10.92
C PHE A 176 9.33 -2.83 10.42
N PRO A 177 10.37 -3.55 9.98
CA PRO A 177 11.60 -2.88 9.49
C PRO A 177 11.38 -1.88 8.34
N ALA A 178 10.31 -2.06 7.57
CA ALA A 178 9.98 -1.12 6.50
C ALA A 178 9.48 0.27 6.96
N LEU A 179 9.06 0.39 8.21
CA LEU A 179 8.48 1.63 8.70
C LEU A 179 9.50 2.56 9.37
N SER A 180 9.43 3.85 9.03
CA SER A 180 10.22 4.89 9.68
C SER A 180 9.29 5.76 10.55
N THR A 181 9.90 6.61 11.38
CA THR A 181 9.14 7.42 12.32
C THR A 181 9.58 8.89 12.34
N ALA A 182 8.67 9.76 12.80
CA ALA A 182 8.96 11.14 13.17
C ALA A 182 8.13 11.46 14.41
N THR A 183 8.66 12.35 15.25
CA THR A 183 7.98 12.81 16.47
C THR A 183 6.96 13.91 16.14
N ILE A 184 5.76 13.78 16.70
CA ILE A 184 4.77 14.85 16.71
C ILE A 184 4.75 15.43 18.13
N ASP A 185 5.17 16.68 18.32
CA ASP A 185 5.06 17.27 19.66
C ASP A 185 3.64 17.76 19.91
N LEU A 186 3.08 17.40 21.07
CA LEU A 186 1.77 17.89 21.47
C LEU A 186 1.88 19.26 22.16
N PRO A 187 0.95 20.18 21.82
CA PRO A 187 0.89 21.44 22.58
C PRO A 187 0.57 21.09 24.02
N GLU A 188 1.12 21.87 24.96
CA GLU A 188 0.97 21.58 26.39
C GLU A 188 -0.47 21.41 26.83
N ASP A 189 -1.38 22.22 26.30
CA ASP A 189 -2.81 22.09 26.64
C ASP A 189 -3.46 20.79 26.12
N GLN A 190 -2.68 19.93 25.47
CA GLN A 190 -3.17 18.63 24.97
C GLN A 190 -2.46 17.45 25.63
N TRP A 191 -1.60 17.73 26.60
CA TRP A 191 -0.91 16.64 27.29
C TRP A 191 -1.85 15.91 28.25
N VAL A 192 -1.66 14.59 28.34
CA VAL A 192 -2.26 13.81 29.42
C VAL A 192 -1.13 13.08 30.14
N LEU A 193 -1.09 13.20 31.47
CA LEU A 193 0.03 12.68 32.24
C LEU A 193 -0.37 11.45 33.05
N GLY A 194 -1.09 10.54 32.42
CA GLY A 194 -1.63 9.37 33.10
C GLY A 194 -2.96 9.70 33.77
N TYR A 195 -3.39 8.81 34.65
CA TYR A 195 -4.63 8.97 35.42
C TYR A 195 -4.28 9.31 36.87
N GLY A 196 -5.12 10.11 37.53
CA GLY A 196 -4.77 10.67 38.83
C GLY A 196 -5.89 10.78 39.84
N ILE A 197 -5.52 10.74 41.11
CA ILE A 197 -6.43 10.98 42.22
C ILE A 197 -6.49 12.49 42.49
N GLY A 198 -7.68 13.08 42.40
CA GLY A 198 -7.83 14.52 42.66
C GLY A 198 -7.91 14.85 44.15
N VAL A 199 -7.18 15.88 44.57
CA VAL A 199 -7.18 16.37 45.97
C VAL A 199 -7.27 17.89 45.96
N ALA A 200 -8.06 18.46 46.87
CA ALA A 200 -8.19 19.93 46.96
C ALA A 200 -6.82 20.62 47.11
N SER A 201 -6.65 21.72 46.39
CA SER A 201 -5.42 22.56 46.45
C SER A 201 -5.06 23.05 47.85
N ASP A 202 -6.08 23.24 48.68
CA ASP A 202 -5.84 23.73 50.03
C ASP A 202 -5.66 22.60 51.07
N ARG A 203 -5.48 21.38 50.56
CA ARG A 203 -5.20 20.22 51.41
C ARG A 203 -3.93 19.47 50.98
N PRO A 204 -2.79 20.18 50.84
CA PRO A 204 -1.61 19.48 50.31
C PRO A 204 -1.13 18.30 51.17
N ALA A 205 -1.31 18.41 52.50
CA ALA A 205 -0.90 17.32 53.40
C ALA A 205 -1.64 16.01 53.11
N LEU A 206 -2.92 16.09 52.76
CA LEU A 206 -3.68 14.90 52.36
C LEU A 206 -3.11 14.30 51.08
N ALA A 207 -2.77 15.16 50.11
CA ALA A 207 -2.14 14.71 48.88
C ALA A 207 -0.81 13.99 49.15
N LEU A 208 -0.06 14.48 50.14
CA LEU A 208 1.21 13.86 50.53
C LEU A 208 0.98 12.44 51.07
N LYS A 209 -0.02 12.30 51.93
CA LYS A 209 -0.39 11.01 52.52
C LYS A 209 -0.87 10.03 51.44
N ILE A 210 -1.61 10.54 50.46
CA ILE A 210 -2.07 9.70 49.34
C ILE A 210 -0.90 9.27 48.44
N GLU A 211 0.04 10.19 48.16
CA GLU A 211 1.27 9.83 47.43
C GLU A 211 2.06 8.74 48.16
N ALA A 212 2.20 8.87 49.48
CA ALA A 212 2.88 7.86 50.31
C ALA A 212 2.17 6.50 50.21
N ALA A 213 0.84 6.53 50.31
CA ALA A 213 0.02 5.33 50.21
C ALA A 213 0.19 4.61 48.87
N VAL A 214 0.12 5.35 47.76
CA VAL A 214 0.25 4.79 46.40
C VAL A 214 1.63 4.16 46.18
N GLN A 215 2.69 4.81 46.69
CA GLN A 215 4.04 4.25 46.62
C GLN A 215 4.14 2.89 47.35
N GLU A 216 3.53 2.80 48.52
CA GLU A 216 3.51 1.55 49.29
C GLU A 216 2.68 0.47 48.58
N ILE A 217 1.52 0.85 48.05
CA ILE A 217 0.68 -0.10 47.31
C ILE A 217 1.43 -0.63 46.06
N ARG A 218 2.16 0.26 45.40
CA ARG A 218 2.99 -0.08 44.25
C ARG A 218 4.13 -1.06 44.64
N LYS A 219 4.91 -0.71 45.67
CA LYS A 219 6.08 -1.53 46.04
C LYS A 219 5.69 -2.91 46.61
N GLU A 220 4.52 -3.00 47.22
CA GLU A 220 3.98 -4.27 47.73
C GLU A 220 3.46 -5.18 46.60
N GLY A 221 3.41 -4.64 45.39
CA GLY A 221 2.95 -5.39 44.22
C GLY A 221 1.45 -5.39 44.01
N VAL A 222 0.72 -4.68 44.89
CA VAL A 222 -0.75 -4.65 44.88
C VAL A 222 -1.29 -3.87 43.67
N LEU A 223 -0.64 -2.77 43.34
CA LEU A 223 -0.99 -1.99 42.15
C LEU A 223 -0.95 -2.85 40.87
N ALA A 224 0.11 -3.63 40.71
CA ALA A 224 0.25 -4.54 39.55
C ALA A 224 -0.76 -5.68 39.56
N GLU A 225 -1.10 -6.17 40.77
CA GLU A 225 -2.15 -7.19 40.93
C GLU A 225 -3.51 -6.67 40.49
N LEU A 226 -3.82 -5.45 40.90
CA LEU A 226 -5.08 -4.81 40.55
C LEU A 226 -5.17 -4.53 39.05
N GLU A 227 -4.06 -4.08 38.47
CA GLU A 227 -4.01 -3.86 37.02
C GLU A 227 -4.36 -5.13 36.24
N GLN A 228 -3.74 -6.25 36.63
CA GLN A 228 -3.96 -7.55 35.98
C GLN A 228 -5.39 -8.02 36.21
N LYS A 229 -5.82 -7.95 37.47
CA LYS A 229 -7.15 -8.36 37.89
C LYS A 229 -8.25 -7.67 37.07
N TRP A 230 -8.13 -6.35 36.91
CA TRP A 230 -9.18 -5.55 36.27
C TRP A 230 -8.99 -5.38 34.74
N GLY A 231 -7.96 -6.01 34.18
CA GLY A 231 -7.72 -6.00 32.72
C GLY A 231 -7.26 -4.69 32.10
N LEU A 232 -6.61 -3.84 32.90
CA LEU A 232 -6.09 -2.54 32.46
C LEU A 232 -5.13 -2.63 31.29
N ASN A 233 -4.37 -3.73 31.23
CA ASN A 233 -3.48 -4.04 30.09
C ASN A 233 -4.21 -3.98 28.74
N ASN A 234 -5.51 -4.26 28.76
CA ASN A 234 -6.32 -4.34 27.54
C ASN A 234 -7.40 -3.27 27.44
N LEU A 235 -7.17 -2.16 28.15
CA LEU A 235 -8.06 -1.00 28.18
C LEU A 235 -8.49 -0.61 26.76
N GLU A 236 -9.81 -0.50 26.54
CA GLU A 236 -10.35 -0.17 25.21
C GLU A 236 -10.57 1.32 24.98
N HIS A 237 -10.95 2.04 26.04
CA HIS A 237 -11.29 3.45 25.93
C HIS A 237 -10.31 4.27 26.78
N HIS A 238 -9.28 4.78 26.11
CA HIS A 238 -8.19 5.50 26.77
C HIS A 238 -8.58 6.94 27.06
N HIS A 239 -8.21 7.43 28.25
CA HIS A 239 -8.40 8.83 28.61
C HIS A 239 -9.78 9.39 28.22
N HIS A 240 -10.83 8.64 28.59
CA HIS A 240 -12.20 9.03 28.32
C HIS A 240 -12.57 10.39 29.00
N HIS A 241 -11.90 10.71 30.10
CA HIS A 241 -12.14 11.99 30.79
C HIS A 241 -10.92 12.92 30.70
N HIS A 242 -10.63 13.42 29.50
CA HIS A 242 -9.48 14.32 29.29
C HIS A 242 -9.82 15.81 29.13
N GLU B 11 23.93 -23.41 -55.32
CA GLU B 11 23.32 -22.09 -55.67
C GLU B 11 23.23 -21.19 -54.43
N LYS B 12 22.40 -20.15 -54.52
CA LYS B 12 22.33 -19.14 -53.49
C LYS B 12 21.04 -19.19 -52.66
N PHE B 13 21.19 -18.92 -51.36
CA PHE B 13 20.05 -18.68 -50.48
C PHE B 13 20.07 -17.19 -50.17
N ILE B 14 19.15 -16.47 -50.80
CA ILE B 14 19.10 -15.00 -50.71
C ILE B 14 18.13 -14.59 -49.61
N VAL B 15 18.66 -13.98 -48.56
CA VAL B 15 17.89 -13.58 -47.39
C VAL B 15 17.78 -12.07 -47.35
N GLY B 16 16.55 -11.58 -47.27
CA GLY B 16 16.31 -10.14 -47.09
C GLY B 16 16.21 -9.75 -45.62
N THR B 17 16.85 -8.64 -45.25
CA THR B 17 16.82 -8.16 -43.88
C THR B 17 16.81 -6.62 -43.80
N ASN B 18 16.37 -6.09 -42.67
CA ASN B 18 16.46 -4.67 -42.33
C ASN B 18 17.35 -4.52 -41.08
N ALA B 19 18.58 -4.08 -41.29
CA ALA B 19 19.62 -4.11 -40.24
C ALA B 19 19.47 -2.99 -39.21
N THR B 20 18.38 -3.02 -38.44
CA THR B 20 18.04 -1.92 -37.53
C THR B 20 17.56 -2.42 -36.17
N TYR B 21 17.84 -3.68 -35.84
CA TYR B 21 17.19 -4.32 -34.69
C TYR B 21 18.15 -5.25 -33.91
N PRO B 22 19.07 -4.65 -33.13
CA PRO B 22 19.91 -5.50 -32.27
C PRO B 22 19.05 -6.21 -31.23
N PRO B 23 19.40 -7.46 -30.86
CA PRO B 23 20.50 -8.30 -31.32
C PRO B 23 20.23 -9.17 -32.58
N PHE B 24 19.07 -9.00 -33.22
CA PHE B 24 18.73 -9.80 -34.41
C PHE B 24 19.62 -9.48 -35.63
N GLU B 25 19.65 -8.20 -36.03
CA GLU B 25 20.51 -7.74 -37.11
C GLU B 25 20.85 -6.27 -36.90
N PHE B 26 22.11 -5.95 -37.17
CA PHE B 26 22.61 -4.57 -37.11
C PHE B 26 23.94 -4.46 -37.86
N VAL B 27 24.45 -3.24 -37.97
CA VAL B 27 25.65 -3.00 -38.79
C VAL B 27 26.89 -2.85 -37.90
N ASP B 28 27.93 -3.63 -38.18
CA ASP B 28 29.20 -3.46 -37.47
C ASP B 28 30.02 -2.28 -38.02
N LYS B 29 31.20 -2.04 -37.45
CA LYS B 29 32.03 -0.93 -37.90
C LYS B 29 32.75 -1.16 -39.24
N ARG B 30 32.60 -2.37 -39.80
CA ARG B 30 33.08 -2.67 -41.15
C ARG B 30 31.99 -2.35 -42.17
N GLY B 31 30.79 -2.03 -41.70
CA GLY B 31 29.65 -1.79 -42.57
C GLY B 31 28.91 -3.07 -42.96
N GLU B 32 29.26 -4.19 -42.32
CA GLU B 32 28.61 -5.48 -42.58
C GLU B 32 27.44 -5.76 -41.64
N VAL B 33 26.42 -6.47 -42.13
CA VAL B 33 25.31 -6.87 -41.29
C VAL B 33 25.67 -8.09 -40.45
N VAL B 34 25.53 -7.96 -39.12
CA VAL B 34 25.81 -9.06 -38.20
C VAL B 34 24.60 -9.29 -37.29
N GLY B 35 24.62 -10.40 -36.55
CA GLY B 35 23.62 -10.64 -35.53
C GLY B 35 23.13 -12.07 -35.46
N PHE B 36 22.22 -12.31 -34.51
CA PHE B 36 21.60 -13.61 -34.31
C PHE B 36 20.95 -14.12 -35.61
N ASP B 37 20.19 -13.27 -36.29
CA ASP B 37 19.49 -13.64 -37.52
C ASP B 37 20.49 -13.99 -38.64
N ILE B 38 21.63 -13.30 -38.66
CA ILE B 38 22.67 -13.52 -39.67
C ILE B 38 23.38 -14.85 -39.44
N ASP B 39 23.72 -15.14 -38.19
CA ASP B 39 24.31 -16.42 -37.83
C ASP B 39 23.31 -17.57 -38.09
N LEU B 40 22.04 -17.34 -37.78
CA LEU B 40 20.99 -18.33 -38.06
C LEU B 40 20.82 -18.54 -39.56
N ALA B 41 20.81 -17.45 -40.33
CA ALA B 41 20.69 -17.54 -41.78
C ALA B 41 21.83 -18.37 -42.42
N ARG B 42 23.05 -18.23 -41.89
CA ARG B 42 24.19 -18.98 -42.35
C ARG B 42 24.08 -20.47 -42.01
N GLU B 43 23.67 -20.77 -40.78
CA GLU B 43 23.41 -22.15 -40.37
C GLU B 43 22.34 -22.80 -41.25
N ILE B 44 21.28 -22.05 -41.56
CA ILE B 44 20.22 -22.55 -42.44
C ILE B 44 20.77 -22.82 -43.85
N SER B 45 21.54 -21.87 -44.38
CA SER B 45 22.09 -22.02 -45.74
C SER B 45 23.02 -23.25 -45.85
N ASN B 46 23.80 -23.49 -44.81
CA ASN B 46 24.64 -24.70 -44.72
C ASN B 46 23.80 -25.99 -44.78
N LYS B 47 22.68 -26.02 -44.07
CA LYS B 47 21.76 -27.18 -44.09
C LYS B 47 21.10 -27.40 -45.44
N LEU B 48 20.77 -26.30 -46.12
CA LEU B 48 20.16 -26.34 -47.45
C LEU B 48 21.14 -26.69 -48.57
N GLY B 49 22.45 -26.61 -48.27
CA GLY B 49 23.51 -26.88 -49.24
C GLY B 49 23.73 -25.70 -50.16
N LYS B 50 23.57 -24.48 -49.64
CA LYS B 50 23.59 -23.27 -50.44
C LYS B 50 24.51 -22.18 -49.88
N THR B 51 24.79 -21.18 -50.71
CA THR B 51 25.65 -20.05 -50.33
C THR B 51 24.77 -18.88 -49.91
N LEU B 52 24.93 -18.44 -48.67
CA LEU B 52 24.16 -17.33 -48.13
C LEU B 52 24.48 -16.00 -48.83
N ASP B 53 23.42 -15.28 -49.21
CA ASP B 53 23.55 -13.95 -49.80
C ASP B 53 22.59 -13.03 -49.03
N VAL B 54 23.13 -12.23 -48.11
CA VAL B 54 22.31 -11.35 -47.28
C VAL B 54 22.16 -10.00 -47.99
N ARG B 55 20.90 -9.57 -48.13
CA ARG B 55 20.59 -8.30 -48.78
C ARG B 55 19.73 -7.40 -47.90
N GLU B 56 20.05 -6.12 -47.89
CA GLU B 56 19.38 -5.13 -47.04
C GLU B 56 18.25 -4.41 -47.77
N PHE B 57 17.14 -4.22 -47.07
CA PHE B 57 15.99 -3.52 -47.59
C PHE B 57 15.39 -2.65 -46.49
N SER B 58 14.60 -1.64 -46.88
CA SER B 58 13.64 -1.01 -45.97
C SER B 58 12.69 -2.09 -45.49
N PHE B 59 12.26 -2.01 -44.24
CA PHE B 59 11.38 -3.03 -43.69
C PHE B 59 10.09 -3.18 -44.49
N ASP B 60 9.51 -2.06 -44.94
CA ASP B 60 8.24 -2.07 -45.70
CA ASP B 60 8.23 -2.10 -45.69
C ASP B 60 8.36 -2.66 -47.12
N ALA B 61 9.59 -2.92 -47.55
CA ALA B 61 9.83 -3.49 -48.89
C ALA B 61 10.10 -5.00 -48.87
N LEU B 62 10.28 -5.58 -47.69
CA LEU B 62 10.66 -7.00 -47.56
C LEU B 62 9.67 -8.04 -48.09
N ILE B 63 8.39 -7.91 -47.70
CA ILE B 63 7.35 -8.85 -48.13
CA ILE B 63 7.37 -8.87 -48.13
C ILE B 63 7.12 -8.78 -49.64
N LEU B 64 7.17 -7.57 -50.20
CA LEU B 64 7.01 -7.39 -51.64
C LEU B 64 8.11 -8.12 -52.42
N ASN B 65 9.36 -7.95 -52.00
CA ASN B 65 10.49 -8.64 -52.63
C ASN B 65 10.39 -10.16 -52.50
N LEU B 66 9.93 -10.63 -51.34
CA LEU B 66 9.71 -12.05 -51.10
C LEU B 66 8.64 -12.64 -52.05
N LYS B 67 7.52 -11.92 -52.21
CA LYS B 67 6.43 -12.36 -53.09
C LYS B 67 6.85 -12.33 -54.57
N GLN B 68 7.69 -11.37 -54.93
CA GLN B 68 8.21 -11.23 -56.29
C GLN B 68 9.36 -12.21 -56.60
N HIS B 69 9.77 -12.99 -55.60
CA HIS B 69 10.85 -13.98 -55.72
C HIS B 69 12.26 -13.41 -55.91
N ARG B 70 12.47 -12.15 -55.54
CA ARG B 70 13.80 -11.54 -55.62
C ARG B 70 14.69 -11.90 -54.44
N ILE B 71 14.06 -12.33 -53.35
CA ILE B 71 14.75 -12.93 -52.22
C ILE B 71 14.05 -14.26 -51.92
N ASP B 72 14.78 -15.18 -51.28
CA ASP B 72 14.27 -16.52 -50.99
C ASP B 72 13.61 -16.59 -49.59
N ALA B 73 14.08 -15.74 -48.69
CA ALA B 73 13.54 -15.69 -47.33
C ALA B 73 13.70 -14.32 -46.68
N VAL B 74 12.83 -14.02 -45.71
CA VAL B 74 12.94 -12.82 -44.89
C VAL B 74 13.28 -13.25 -43.47
N ILE B 75 14.42 -12.78 -42.98
CA ILE B 75 14.82 -12.97 -41.58
C ILE B 75 15.26 -11.61 -41.03
N THR B 76 14.44 -11.06 -40.12
CA THR B 76 14.54 -9.65 -39.74
C THR B 76 13.89 -9.35 -38.36
N GLY B 77 13.91 -10.34 -37.47
CA GLY B 77 13.22 -10.24 -36.17
C GLY B 77 11.76 -9.91 -36.35
N MET B 78 11.11 -10.53 -37.34
CA MET B 78 9.74 -10.23 -37.70
C MET B 78 8.80 -11.07 -36.83
N SER B 79 7.84 -10.42 -36.19
CA SER B 79 6.84 -11.11 -35.36
C SER B 79 5.90 -11.93 -36.25
N ILE B 80 5.57 -13.13 -35.80
CA ILE B 80 4.54 -13.96 -36.43
C ILE B 80 3.16 -13.49 -35.96
N THR B 81 2.39 -12.94 -36.91
CA THR B 81 1.03 -12.45 -36.63
C THR B 81 0.02 -13.17 -37.54
N PRO B 82 -1.23 -13.35 -37.07
CA PRO B 82 -2.30 -13.87 -37.93
C PRO B 82 -2.43 -13.13 -39.27
N SER B 83 -2.34 -11.80 -39.24
CA SER B 83 -2.38 -10.97 -40.45
C SER B 83 -1.30 -11.38 -41.48
N ARG B 84 -0.07 -11.56 -41.01
CA ARG B 84 1.06 -11.95 -41.87
C ARG B 84 0.93 -13.37 -42.42
N LEU B 85 0.42 -14.27 -41.57
CA LEU B 85 0.23 -15.67 -41.95
C LEU B 85 -0.80 -15.85 -43.08
N LYS B 86 -1.66 -14.84 -43.25
CA LYS B 86 -2.59 -14.79 -44.38
C LYS B 86 -1.90 -14.43 -45.71
N GLU B 87 -0.69 -13.88 -45.64
CA GLU B 87 0.05 -13.39 -46.81
C GLU B 87 1.27 -14.24 -47.16
N ILE B 88 1.94 -14.76 -46.14
CA ILE B 88 3.18 -15.51 -46.32
C ILE B 88 3.23 -16.72 -45.40
N LEU B 89 4.18 -17.62 -45.66
CA LEU B 89 4.53 -18.68 -44.71
C LEU B 89 5.59 -18.18 -43.73
N MET B 90 5.50 -18.63 -42.48
CA MET B 90 6.50 -18.26 -41.46
C MET B 90 6.94 -19.48 -40.66
N ILE B 91 8.25 -19.67 -40.57
CA ILE B 91 8.85 -20.73 -39.77
C ILE B 91 9.37 -20.13 -38.44
N PRO B 92 8.80 -20.54 -37.29
CA PRO B 92 9.23 -20.01 -35.96
C PRO B 92 10.65 -20.45 -35.62
N TYR B 93 11.47 -19.53 -35.09
CA TYR B 93 12.82 -19.88 -34.63
C TYR B 93 13.13 -19.39 -33.21
N TYR B 94 12.27 -18.53 -32.67
CA TYR B 94 12.51 -17.96 -31.35
C TYR B 94 11.25 -17.31 -30.79
N GLY B 95 11.11 -17.37 -29.47
CA GLY B 95 10.09 -16.62 -28.74
C GLY B 95 8.86 -17.42 -28.37
N GLU B 96 8.27 -17.06 -27.23
CA GLU B 96 7.00 -17.62 -26.78
C GLU B 96 5.84 -17.10 -27.62
N GLU B 97 4.82 -17.93 -27.82
CA GLU B 97 3.57 -17.42 -28.38
C GLU B 97 2.85 -16.58 -27.31
N ILE B 98 2.42 -15.38 -27.66
CA ILE B 98 1.67 -14.51 -26.75
C ILE B 98 0.23 -14.33 -27.26
N LYS B 99 -0.70 -15.02 -26.60
CA LYS B 99 -2.12 -14.98 -26.96
C LYS B 99 -2.96 -14.45 -25.80
N HIS B 100 -2.32 -14.26 -24.64
CA HIS B 100 -2.95 -13.69 -23.48
C HIS B 100 -1.89 -13.02 -22.60
N LEU B 101 -2.35 -12.21 -21.65
CA LEU B 101 -1.44 -11.56 -20.70
C LEU B 101 -1.94 -11.84 -19.29
N VAL B 102 -1.11 -11.55 -18.30
CA VAL B 102 -1.42 -11.83 -16.90
C VAL B 102 -1.60 -10.51 -16.15
N LEU B 103 -2.81 -10.29 -15.65
CA LEU B 103 -3.09 -9.20 -14.72
C LEU B 103 -2.71 -9.63 -13.29
N VAL B 104 -1.96 -8.77 -12.62
CA VAL B 104 -1.37 -9.09 -11.31
C VAL B 104 -1.86 -8.03 -10.30
N PHE B 105 -2.24 -8.47 -9.11
CA PHE B 105 -2.81 -7.57 -8.10
C PHE B 105 -2.65 -8.17 -6.71
N LYS B 106 -2.77 -7.32 -5.68
CA LYS B 106 -2.63 -7.76 -4.31
C LYS B 106 -4.04 -7.87 -3.74
N GLY B 107 -4.38 -9.07 -3.25
CA GLY B 107 -5.67 -9.32 -2.62
C GLY B 107 -6.79 -9.66 -3.59
N GLU B 108 -8.01 -9.35 -3.17
CA GLU B 108 -9.22 -9.68 -3.93
C GLU B 108 -9.44 -8.68 -5.06
N ASN B 109 -9.79 -9.21 -6.22
CA ASN B 109 -10.22 -8.38 -7.35
C ASN B 109 -11.47 -8.99 -7.98
N LYS B 110 -12.63 -8.47 -7.58
CA LYS B 110 -13.93 -8.98 -8.00
C LYS B 110 -14.22 -8.78 -9.48
N HIS B 111 -13.72 -7.66 -10.03
CA HIS B 111 -13.91 -7.34 -11.44
C HIS B 111 -12.59 -6.89 -12.06
N PRO B 112 -11.77 -7.86 -12.54
CA PRO B 112 -10.43 -7.55 -13.05
C PRO B 112 -10.43 -6.67 -14.30
N LEU B 113 -11.45 -6.83 -15.14
CA LEU B 113 -11.60 -6.01 -16.35
C LEU B 113 -12.83 -5.12 -16.27
N PRO B 114 -12.85 -3.99 -17.01
CA PRO B 114 -11.86 -3.50 -17.98
C PRO B 114 -10.70 -2.74 -17.34
N LEU B 115 -9.61 -2.60 -18.09
CA LEU B 115 -8.39 -1.99 -17.57
C LEU B 115 -8.53 -0.47 -17.38
N THR B 116 -9.59 0.10 -17.99
CA THR B 116 -9.93 1.52 -17.87
C THR B 116 -10.33 1.93 -16.46
N GLN B 117 -10.71 0.96 -15.64
CA GLN B 117 -11.14 1.23 -14.26
C GLN B 117 -10.01 1.67 -13.32
N TYR B 118 -8.76 1.39 -13.69
CA TYR B 118 -7.60 1.58 -12.80
C TYR B 118 -6.95 2.96 -12.91
N ARG B 119 -6.57 3.51 -11.76
CA ARG B 119 -5.79 4.76 -11.72
C ARG B 119 -4.49 4.64 -12.51
N SER B 120 -3.91 3.44 -12.49
CA SER B 120 -2.74 3.12 -13.29
C SER B 120 -2.57 1.63 -13.44
N VAL B 121 -1.86 1.25 -14.49
CA VAL B 121 -1.51 -0.13 -14.78
C VAL B 121 0.00 -0.16 -14.97
N ALA B 122 0.70 -0.86 -14.08
CA ALA B 122 2.16 -0.96 -14.12
C ALA B 122 2.62 -1.96 -15.19
N VAL B 123 3.66 -1.60 -15.93
CA VAL B 123 4.16 -2.43 -17.03
C VAL B 123 5.64 -2.17 -17.28
N GLN B 124 6.33 -3.15 -17.85
CA GLN B 124 7.75 -2.99 -18.20
C GLN B 124 7.92 -2.33 -19.57
N THR B 125 8.76 -1.29 -19.61
CA THR B 125 9.11 -0.58 -20.85
C THR B 125 9.69 -1.55 -21.88
N GLY B 126 9.29 -1.37 -23.14
CA GLY B 126 9.92 -2.09 -24.25
C GLY B 126 9.35 -3.47 -24.52
N THR B 127 8.32 -3.86 -23.76
CA THR B 127 7.67 -5.18 -23.90
C THR B 127 6.46 -5.17 -24.83
N TYR B 128 6.02 -6.35 -25.26
CA TYR B 128 4.82 -6.40 -26.09
C TYR B 128 3.58 -5.96 -25.30
N GLN B 129 3.49 -6.38 -24.04
CA GLN B 129 2.39 -5.94 -23.16
C GLN B 129 2.27 -4.40 -23.01
N GLU B 130 3.40 -3.70 -22.99
CA GLU B 130 3.36 -2.23 -22.97
C GLU B 130 2.71 -1.69 -24.26
N ALA B 131 3.13 -2.24 -25.41
CA ALA B 131 2.55 -1.84 -26.69
C ALA B 131 1.05 -2.12 -26.71
N TYR B 132 0.65 -3.28 -26.21
CA TYR B 132 -0.77 -3.62 -26.11
C TYR B 132 -1.54 -2.59 -25.26
N LEU B 133 -0.99 -2.22 -24.11
CA LEU B 133 -1.64 -1.24 -23.23
C LEU B 133 -1.77 0.13 -23.90
N GLN B 134 -0.74 0.50 -24.66
CA GLN B 134 -0.71 1.76 -25.40
C GLN B 134 -1.78 1.83 -26.50
N SER B 135 -2.23 0.67 -26.98
CA SER B 135 -3.28 0.61 -27.99
C SER B 135 -4.67 0.89 -27.41
N LEU B 136 -4.80 0.75 -26.10
CA LEU B 136 -6.10 0.87 -25.43
C LEU B 136 -6.46 2.31 -25.08
N SER B 137 -7.72 2.65 -25.37
CA SER B 137 -8.31 3.94 -25.05
C SER B 137 -8.50 4.11 -23.54
N GLU B 138 -8.14 5.29 -23.03
CA GLU B 138 -8.33 5.69 -21.63
C GLU B 138 -7.75 4.75 -20.54
N VAL B 139 -6.62 4.13 -20.87
CA VAL B 139 -5.87 3.35 -19.89
C VAL B 139 -4.63 4.17 -19.46
N HIS B 140 -4.42 4.28 -18.16
CA HIS B 140 -3.27 4.99 -17.60
C HIS B 140 -2.12 4.02 -17.33
N ILE B 141 -1.00 4.25 -18.01
CA ILE B 141 0.15 3.35 -17.96
C ILE B 141 1.27 3.94 -17.09
N ARG B 142 1.80 3.15 -16.16
CA ARG B 142 3.03 3.52 -15.53
CA ARG B 142 3.07 3.48 -15.50
C ARG B 142 4.13 2.48 -15.93
N SER B 143 5.14 2.98 -16.66
CA SER B 143 6.17 2.13 -17.26
C SER B 143 7.46 2.12 -16.45
N PHE B 144 8.08 0.94 -16.32
CA PHE B 144 9.34 0.79 -15.57
C PHE B 144 10.38 -0.02 -16.35
N ASP B 145 11.66 0.15 -16.00
CA ASP B 145 12.76 -0.56 -16.68
C ASP B 145 12.77 -2.08 -16.40
N SER B 146 12.27 -2.48 -15.24
CA SER B 146 12.42 -3.86 -14.79
C SER B 146 11.13 -4.46 -14.21
N THR B 147 11.03 -5.78 -14.31
CA THR B 147 9.96 -6.53 -13.66
C THR B 147 9.96 -6.30 -12.13
N LEU B 148 11.16 -6.21 -11.54
CA LEU B 148 11.33 -5.85 -10.12
C LEU B 148 10.54 -4.58 -9.79
N GLU B 149 10.75 -3.52 -10.57
CA GLU B 149 10.03 -2.25 -10.35
C GLU B 149 8.53 -2.35 -10.56
N VAL B 150 8.13 -3.06 -11.61
CA VAL B 150 6.72 -3.32 -11.90
C VAL B 150 6.00 -3.98 -10.70
N LEU B 151 6.59 -5.04 -10.17
CA LEU B 151 5.97 -5.79 -9.07
C LEU B 151 6.01 -5.05 -7.72
N MET B 152 7.09 -4.34 -7.43
CA MET B 152 7.16 -3.57 -6.19
C MET B 152 6.17 -2.38 -6.15
N GLU B 153 5.90 -1.80 -7.32
CA GLU B 153 4.86 -0.78 -7.47
C GLU B 153 3.48 -1.28 -6.98
N VAL B 154 3.16 -2.54 -7.29
CA VAL B 154 1.91 -3.17 -6.83
C VAL B 154 2.00 -3.54 -5.33
N MET B 155 3.11 -4.16 -4.93
CA MET B 155 3.36 -4.54 -3.54
C MET B 155 3.21 -3.36 -2.57
N HIS B 156 3.67 -2.17 -2.99
CA HIS B 156 3.60 -0.96 -2.16
C HIS B 156 2.28 -0.19 -2.30
N GLY B 157 1.34 -0.71 -3.10
CA GLY B 157 0.05 -0.07 -3.33
C GLY B 157 0.11 1.24 -4.11
N LYS B 158 1.19 1.44 -4.86
CA LYS B 158 1.33 2.64 -5.70
C LYS B 158 0.50 2.58 -7.00
N SER B 159 0.42 1.37 -7.57
CA SER B 159 -0.51 1.05 -8.64
C SER B 159 -1.37 -0.16 -8.21
N PRO B 160 -2.65 -0.17 -8.60
CA PRO B 160 -3.53 -1.29 -8.21
C PRO B 160 -3.27 -2.61 -8.94
N VAL B 161 -2.70 -2.54 -10.16
CA VAL B 161 -2.47 -3.73 -10.97
C VAL B 161 -1.19 -3.61 -11.80
N ALA B 162 -0.66 -4.75 -12.22
CA ALA B 162 0.40 -4.84 -13.24
C ALA B 162 0.03 -5.86 -14.33
N VAL B 163 0.66 -5.73 -15.49
CA VAL B 163 0.50 -6.70 -16.58
C VAL B 163 1.86 -7.31 -16.90
N LEU B 164 1.92 -8.65 -16.92
CA LEU B 164 3.10 -9.42 -17.30
C LEU B 164 2.80 -10.34 -18.48
N GLU B 165 3.85 -10.68 -19.23
CA GLU B 165 3.80 -11.75 -20.25
C GLU B 165 3.77 -13.09 -19.50
N PRO B 166 2.92 -14.04 -19.95
CA PRO B 166 2.73 -15.31 -19.23
C PRO B 166 3.98 -16.11 -18.85
N SER B 167 4.94 -16.28 -19.76
CA SER B 167 6.12 -17.07 -19.45
C SER B 167 7.01 -16.43 -18.37
N ILE B 168 7.04 -15.10 -18.32
CA ILE B 168 7.74 -14.40 -17.22
C ILE B 168 6.97 -14.52 -15.90
N ALA B 169 5.66 -14.26 -15.93
CA ALA B 169 4.78 -14.41 -14.76
C ALA B 169 4.96 -15.76 -14.07
N GLN B 170 4.98 -16.85 -14.85
CA GLN B 170 5.22 -18.21 -14.34
C GLN B 170 6.49 -18.34 -13.49
N VAL B 171 7.55 -17.68 -13.90
CA VAL B 171 8.83 -17.78 -13.21
C VAL B 171 8.86 -16.81 -12.02
N VAL B 172 8.54 -15.53 -12.24
CA VAL B 172 8.82 -14.52 -11.22
C VAL B 172 7.87 -14.51 -10.00
N LEU B 173 6.62 -14.91 -10.24
CA LEU B 173 5.59 -14.86 -9.19
C LEU B 173 5.75 -15.88 -8.07
N LYS B 174 6.61 -16.88 -8.28
CA LYS B 174 6.95 -17.81 -7.21
C LYS B 174 7.49 -17.08 -5.96
N ASP B 175 8.09 -15.89 -6.17
CA ASP B 175 8.65 -15.09 -5.07
C ASP B 175 7.65 -14.11 -4.47
N PHE B 176 6.43 -14.07 -4.99
CA PHE B 176 5.42 -13.09 -4.58
C PHE B 176 4.12 -13.73 -4.11
N PRO B 177 4.15 -14.40 -2.94
CA PRO B 177 2.92 -15.05 -2.45
C PRO B 177 1.72 -14.11 -2.22
N ALA B 178 1.95 -12.81 -2.07
CA ALA B 178 0.86 -11.83 -1.84
C ALA B 178 0.08 -11.48 -3.10
N LEU B 179 0.65 -11.79 -4.26
CA LEU B 179 0.05 -11.39 -5.53
C LEU B 179 -0.82 -12.50 -6.11
N SER B 180 -1.99 -12.11 -6.62
CA SER B 180 -2.92 -12.99 -7.33
C SER B 180 -2.97 -12.57 -8.80
N THR B 181 -3.63 -13.38 -9.64
CA THR B 181 -3.63 -13.14 -11.08
C THR B 181 -5.01 -13.36 -11.72
N ALA B 182 -5.22 -12.69 -12.85
CA ALA B 182 -6.36 -12.97 -13.73
C ALA B 182 -5.85 -12.90 -15.18
N THR B 183 -6.52 -13.64 -16.06
CA THR B 183 -6.15 -13.73 -17.48
C THR B 183 -6.73 -12.57 -18.26
N ILE B 184 -5.90 -11.95 -19.10
CA ILE B 184 -6.36 -11.00 -20.11
C ILE B 184 -6.21 -11.73 -21.44
N ASP B 185 -7.33 -12.09 -22.06
CA ASP B 185 -7.30 -12.69 -23.39
C ASP B 185 -7.11 -11.61 -24.46
N LEU B 186 -6.14 -11.83 -25.34
CA LEU B 186 -5.93 -10.90 -26.44
C LEU B 186 -6.85 -11.22 -27.59
N PRO B 187 -7.37 -10.19 -28.29
CA PRO B 187 -8.06 -10.44 -29.55
C PRO B 187 -7.06 -11.06 -30.53
N GLU B 188 -7.54 -11.92 -31.43
CA GLU B 188 -6.66 -12.65 -32.34
C GLU B 188 -5.74 -11.73 -33.15
N ASP B 189 -6.27 -10.58 -33.57
CA ASP B 189 -5.46 -9.64 -34.37
C ASP B 189 -4.32 -8.98 -33.57
N GLN B 190 -4.22 -9.30 -32.28
CA GLN B 190 -3.16 -8.79 -31.41
C GLN B 190 -2.17 -9.87 -30.99
N TRP B 191 -2.42 -11.11 -31.42
CA TRP B 191 -1.51 -12.21 -31.08
C TRP B 191 -0.15 -12.02 -31.77
N VAL B 192 0.92 -12.36 -31.07
CA VAL B 192 2.23 -12.55 -31.69
C VAL B 192 2.70 -13.97 -31.34
N LEU B 193 3.11 -14.72 -32.35
CA LEU B 193 3.43 -16.13 -32.15
C LEU B 193 4.93 -16.41 -32.25
N GLY B 194 5.71 -15.57 -31.57
CA GLY B 194 7.16 -15.63 -31.65
C GLY B 194 7.69 -14.89 -32.87
N TYR B 195 8.94 -15.14 -33.20
CA TYR B 195 9.62 -14.55 -34.38
C TYR B 195 9.83 -15.63 -35.45
N GLY B 196 9.70 -15.26 -36.73
CA GLY B 196 9.74 -16.23 -37.82
C GLY B 196 10.48 -15.83 -39.09
N ILE B 197 10.93 -16.85 -39.81
CA ILE B 197 11.51 -16.72 -41.15
C ILE B 197 10.37 -16.66 -42.16
N GLY B 198 10.32 -15.59 -42.94
CA GLY B 198 9.27 -15.40 -43.94
C GLY B 198 9.61 -16.13 -45.25
N VAL B 199 8.63 -16.85 -45.81
CA VAL B 199 8.80 -17.58 -47.07
C VAL B 199 7.57 -17.34 -47.95
N ALA B 200 7.77 -17.17 -49.27
CA ALA B 200 6.67 -16.97 -50.19
C ALA B 200 5.67 -18.13 -50.06
N SER B 201 4.39 -17.80 -50.04
CA SER B 201 3.33 -18.82 -49.91
C SER B 201 3.25 -19.76 -51.12
N ASP B 202 3.77 -19.32 -52.26
CA ASP B 202 3.86 -20.20 -53.43
C ASP B 202 5.17 -21.00 -53.51
N ARG B 203 5.93 -20.99 -52.41
CA ARG B 203 7.11 -21.84 -52.29
C ARG B 203 7.09 -22.72 -51.04
N PRO B 204 5.99 -23.51 -50.82
CA PRO B 204 5.90 -24.28 -49.57
C PRO B 204 7.00 -25.34 -49.38
N ALA B 205 7.51 -25.88 -50.50
CA ALA B 205 8.63 -26.83 -50.42
C ALA B 205 9.87 -26.19 -49.75
N LEU B 206 10.11 -24.92 -50.05
CA LEU B 206 11.23 -24.20 -49.43
C LEU B 206 10.97 -24.00 -47.95
N ALA B 207 9.73 -23.67 -47.59
CA ALA B 207 9.34 -23.47 -46.19
C ALA B 207 9.58 -24.77 -45.42
N LEU B 208 9.24 -25.88 -46.05
CA LEU B 208 9.44 -27.21 -45.49
C LEU B 208 10.93 -27.50 -45.24
N LYS B 209 11.78 -27.22 -46.21
CA LYS B 209 13.22 -27.41 -46.07
C LYS B 209 13.81 -26.52 -44.94
N ILE B 210 13.30 -25.29 -44.84
CA ILE B 210 13.73 -24.39 -43.76
C ILE B 210 13.28 -24.88 -42.37
N GLU B 211 12.06 -25.44 -42.29
CA GLU B 211 11.59 -26.07 -41.06
C GLU B 211 12.50 -27.24 -40.65
N ALA B 212 12.86 -28.10 -41.61
CA ALA B 212 13.79 -29.20 -41.35
C ALA B 212 15.16 -28.70 -40.85
N ALA B 213 15.66 -27.63 -41.48
CA ALA B 213 16.92 -27.03 -41.08
C ALA B 213 16.86 -26.51 -39.63
N VAL B 214 15.82 -25.75 -39.30
CA VAL B 214 15.65 -25.18 -37.95
C VAL B 214 15.57 -26.28 -36.89
N GLN B 215 14.83 -27.36 -37.19
CA GLN B 215 14.78 -28.52 -36.29
C GLN B 215 16.16 -29.16 -36.02
N GLU B 216 16.94 -29.32 -37.08
CA GLU B 216 18.30 -29.86 -36.98
C GLU B 216 19.24 -28.91 -36.19
N ILE B 217 19.12 -27.61 -36.46
CA ILE B 217 19.96 -26.62 -35.78
C ILE B 217 19.61 -26.57 -34.27
N ARG B 218 18.32 -26.69 -33.97
CA ARG B 218 17.82 -26.78 -32.59
C ARG B 218 18.31 -28.05 -31.86
N LYS B 219 18.15 -29.21 -32.50
CA LYS B 219 18.52 -30.49 -31.86
C LYS B 219 20.03 -30.63 -31.63
N GLU B 220 20.81 -29.98 -32.49
CA GLU B 220 22.26 -29.92 -32.36
C GLU B 220 22.74 -29.05 -31.19
N GLY B 221 21.86 -28.20 -30.68
CA GLY B 221 22.20 -27.28 -29.59
C GLY B 221 22.72 -25.94 -30.07
N VAL B 222 22.78 -25.76 -31.39
CA VAL B 222 23.32 -24.55 -32.00
C VAL B 222 22.39 -23.35 -31.83
N LEU B 223 21.09 -23.60 -31.91
CA LEU B 223 20.08 -22.57 -31.68
C LEU B 223 20.23 -21.95 -30.28
N ALA B 224 20.38 -22.80 -29.27
CA ALA B 224 20.63 -22.35 -27.89
C ALA B 224 21.98 -21.62 -27.75
N GLU B 225 23.01 -22.13 -28.40
CA GLU B 225 24.34 -21.49 -28.40
C GLU B 225 24.28 -20.08 -28.98
N LEU B 226 23.57 -19.93 -30.10
CA LEU B 226 23.37 -18.62 -30.73
C LEU B 226 22.57 -17.67 -29.84
N GLU B 227 21.50 -18.17 -29.21
CA GLU B 227 20.73 -17.36 -28.27
C GLU B 227 21.60 -16.80 -27.16
N GLN B 228 22.42 -17.66 -26.57
CA GLN B 228 23.33 -17.26 -25.49
C GLN B 228 24.35 -16.25 -25.98
N LYS B 229 25.03 -16.59 -27.09
CA LYS B 229 26.09 -15.79 -27.68
C LYS B 229 25.64 -14.37 -28.01
N TRP B 230 24.41 -14.24 -28.53
CA TRP B 230 23.90 -12.94 -28.99
C TRP B 230 23.07 -12.18 -27.92
N GLY B 231 22.94 -12.77 -26.73
CA GLY B 231 22.25 -12.12 -25.60
C GLY B 231 20.73 -12.00 -25.70
N LEU B 232 20.10 -12.91 -26.44
CA LEU B 232 18.64 -12.90 -26.63
C LEU B 232 17.86 -13.08 -25.31
N ASN B 233 18.45 -13.82 -24.38
CA ASN B 233 17.91 -13.99 -23.05
C ASN B 233 17.69 -12.67 -22.29
N ASN B 234 18.29 -11.59 -22.81
CA ASN B 234 18.16 -10.26 -22.21
C ASN B 234 17.72 -9.18 -23.18
N LEU B 235 17.00 -9.60 -24.22
CA LEU B 235 16.36 -8.72 -25.19
C LEU B 235 15.59 -7.58 -24.49
N GLU B 236 15.82 -6.36 -24.95
CA GLU B 236 15.24 -5.15 -24.38
C GLU B 236 14.00 -4.67 -25.11
N HIS B 237 14.01 -4.83 -26.43
CA HIS B 237 12.91 -4.39 -27.28
C HIS B 237 12.24 -5.63 -27.92
N HIS B 238 11.09 -6.01 -27.35
CA HIS B 238 10.36 -7.22 -27.72
C HIS B 238 9.40 -6.88 -28.84
N HIS B 239 9.35 -7.73 -29.87
CA HIS B 239 8.37 -7.62 -30.97
C HIS B 239 8.30 -6.21 -31.52
N HIS B 240 9.48 -5.67 -31.85
CA HIS B 240 9.60 -4.36 -32.43
C HIS B 240 8.90 -4.25 -33.80
N HIS B 241 8.81 -5.37 -34.52
CA HIS B 241 8.12 -5.43 -35.81
C HIS B 241 6.84 -6.29 -35.76
N HIS B 242 5.82 -5.82 -35.04
CA HIS B 242 4.56 -6.57 -34.95
C HIS B 242 3.40 -5.98 -35.78
N GLU C 11 -61.18 11.64 36.16
CA GLU C 11 -60.15 10.58 36.36
C GLU C 11 -58.80 10.96 35.74
N LYS C 12 -57.80 10.10 35.91
CA LYS C 12 -56.42 10.42 35.53
C LYS C 12 -55.96 9.76 34.23
N PHE C 13 -55.17 10.50 33.47
CA PHE C 13 -54.42 9.92 32.35
C PHE C 13 -52.95 9.91 32.77
N ILE C 14 -52.48 8.73 33.16
CA ILE C 14 -51.14 8.55 33.70
C ILE C 14 -50.16 8.21 32.58
N VAL C 15 -49.17 9.09 32.39
CA VAL C 15 -48.18 8.98 31.31
C VAL C 15 -46.78 8.73 31.88
N GLY C 16 -46.15 7.64 31.45
CA GLY C 16 -44.77 7.35 31.82
C GLY C 16 -43.77 7.92 30.83
N THR C 17 -42.72 8.56 31.34
CA THR C 17 -41.70 9.15 30.50
C THR C 17 -40.31 9.04 31.15
N ASN C 18 -39.28 9.08 30.31
CA ASN C 18 -37.88 9.19 30.75
C ASN C 18 -37.34 10.56 30.33
N ALA C 19 -37.25 11.48 31.29
CA ALA C 19 -36.98 12.90 30.99
C ALA C 19 -35.50 13.22 30.69
N THR C 20 -35.02 12.65 29.59
CA THR C 20 -33.59 12.67 29.23
C THR C 20 -33.36 12.98 27.73
N TYR C 21 -34.40 13.47 27.05
CA TYR C 21 -34.37 13.55 25.58
C TYR C 21 -34.97 14.85 25.04
N PRO C 22 -34.22 15.98 25.14
CA PRO C 22 -34.72 17.20 24.54
C PRO C 22 -34.77 17.07 23.01
N PRO C 23 -35.77 17.69 22.37
CA PRO C 23 -36.83 18.52 22.93
C PRO C 23 -38.14 17.76 23.29
N PHE C 24 -38.10 16.43 23.31
CA PHE C 24 -39.29 15.62 23.61
C PHE C 24 -39.66 15.74 25.10
N GLU C 25 -38.67 15.52 25.97
CA GLU C 25 -38.84 15.64 27.42
C GLU C 25 -37.51 15.86 28.13
N PHE C 26 -37.53 16.79 29.07
CA PHE C 26 -36.36 17.10 29.89
C PHE C 26 -36.82 17.85 31.13
N VAL C 27 -35.91 18.05 32.09
CA VAL C 27 -36.26 18.62 33.38
C VAL C 27 -35.89 20.11 33.40
N ASP C 28 -36.86 20.95 33.74
CA ASP C 28 -36.57 22.39 33.87
C ASP C 28 -35.91 22.70 35.24
N LYS C 29 -35.61 23.98 35.46
CA LYS C 29 -34.96 24.39 36.69
C LYS C 29 -35.88 24.34 37.94
N ARG C 30 -37.16 24.10 37.71
CA ARG C 30 -38.14 23.84 38.78
C ARG C 30 -38.17 22.36 39.18
N GLY C 31 -37.48 21.51 38.43
CA GLY C 31 -37.53 20.07 38.68
C GLY C 31 -38.71 19.38 38.00
N GLU C 32 -39.43 20.13 37.15
CA GLU C 32 -40.58 19.60 36.44
C GLU C 32 -40.24 19.14 35.02
N VAL C 33 -40.93 18.10 34.55
CA VAL C 33 -40.73 17.63 33.21
C VAL C 33 -41.52 18.51 32.23
N VAL C 34 -40.80 19.05 31.25
CA VAL C 34 -41.37 19.86 30.18
C VAL C 34 -40.97 19.26 28.83
N GLY C 35 -41.57 19.75 27.76
CA GLY C 35 -41.18 19.32 26.41
C GLY C 35 -42.35 19.12 25.46
N PHE C 36 -42.01 18.77 24.23
CA PHE C 36 -43.01 18.51 23.19
C PHE C 36 -43.95 17.37 23.61
N ASP C 37 -43.40 16.28 24.13
CA ASP C 37 -44.21 15.14 24.56
C ASP C 37 -45.15 15.50 25.72
N ILE C 38 -44.71 16.43 26.59
CA ILE C 38 -45.50 16.85 27.75
C ILE C 38 -46.68 17.74 27.33
N ASP C 39 -46.41 18.72 26.47
CA ASP C 39 -47.50 19.51 25.89
C ASP C 39 -48.48 18.63 25.10
N LEU C 40 -47.97 17.64 24.35
CA LEU C 40 -48.84 16.71 23.62
C LEU C 40 -49.68 15.85 24.58
N ALA C 41 -49.04 15.28 25.60
CA ALA C 41 -49.72 14.52 26.65
C ALA C 41 -50.88 15.30 27.26
N ARG C 42 -50.67 16.60 27.52
CA ARG C 42 -51.70 17.46 28.11
C ARG C 42 -52.86 17.70 27.14
N GLU C 43 -52.52 17.94 25.87
CA GLU C 43 -53.54 18.05 24.82
C GLU C 43 -54.38 16.78 24.70
N ILE C 44 -53.71 15.62 24.71
CA ILE C 44 -54.42 14.32 24.66
C ILE C 44 -55.34 14.14 25.87
N SER C 45 -54.82 14.45 27.06
CA SER C 45 -55.62 14.34 28.31
C SER C 45 -56.87 15.22 28.27
N ASN C 46 -56.74 16.40 27.68
CA ASN C 46 -57.89 17.30 27.48
C ASN C 46 -58.95 16.71 26.55
N LYS C 47 -58.51 16.04 25.47
CA LYS C 47 -59.43 15.35 24.55
C LYS C 47 -60.13 14.15 25.21
N LEU C 48 -59.41 13.45 26.10
CA LEU C 48 -59.95 12.29 26.80
C LEU C 48 -60.83 12.68 28.01
N GLY C 49 -60.84 13.98 28.33
CA GLY C 49 -61.57 14.48 29.49
C GLY C 49 -60.99 13.98 30.80
N LYS C 50 -59.66 13.91 30.85
CA LYS C 50 -58.92 13.37 31.99
C LYS C 50 -57.84 14.34 32.47
N THR C 51 -57.40 14.16 33.72
CA THR C 51 -56.33 14.96 34.30
C THR C 51 -55.00 14.25 34.10
N LEU C 52 -54.03 14.96 33.51
CA LEU C 52 -52.72 14.39 33.23
C LEU C 52 -51.89 14.16 34.49
N ASP C 53 -51.27 12.98 34.57
CA ASP C 53 -50.34 12.66 35.66
C ASP C 53 -49.02 12.11 35.07
N VAL C 54 -48.01 12.97 34.95
CA VAL C 54 -46.72 12.59 34.38
C VAL C 54 -45.83 11.94 35.44
N ARG C 55 -45.36 10.73 35.15
CA ARG C 55 -44.47 10.00 36.06
C ARG C 55 -43.15 9.61 35.37
N GLU C 56 -42.05 9.78 36.09
CA GLU C 56 -40.70 9.52 35.56
C GLU C 56 -40.22 8.11 35.87
N PHE C 57 -39.59 7.48 34.88
CA PHE C 57 -39.02 6.14 35.02
C PHE C 57 -37.70 6.08 34.25
N SER C 58 -36.83 5.14 34.61
CA SER C 58 -35.75 4.71 33.73
C SER C 58 -36.38 4.22 32.44
N PHE C 59 -35.75 4.50 31.31
CA PHE C 59 -36.28 4.07 30.03
C PHE C 59 -36.59 2.57 30.02
N ASP C 60 -35.68 1.75 30.53
CA ASP C 60 -35.82 0.28 30.52
CA ASP C 60 -35.83 0.29 30.50
C ASP C 60 -36.96 -0.26 31.40
N ALA C 61 -37.67 0.64 32.09
CA ALA C 61 -38.77 0.21 32.97
C ALA C 61 -40.15 0.61 32.44
N LEU C 62 -40.17 1.41 31.37
CA LEU C 62 -41.42 1.96 30.83
C LEU C 62 -42.38 0.91 30.28
N ILE C 63 -41.88 -0.02 29.48
CA ILE C 63 -42.76 -1.04 28.90
C ILE C 63 -43.36 -1.95 29.99
N LEU C 64 -42.54 -2.33 30.98
CA LEU C 64 -42.97 -3.14 32.10
C LEU C 64 -44.12 -2.49 32.87
N ASN C 65 -43.97 -1.21 33.22
CA ASN C 65 -45.01 -0.46 33.93
C ASN C 65 -46.29 -0.30 33.11
N LEU C 66 -46.13 -0.13 31.80
CA LEU C 66 -47.25 -0.09 30.86
C LEU C 66 -48.04 -1.41 30.84
N LYS C 67 -47.33 -2.53 30.74
CA LYS C 67 -47.94 -3.86 30.75
C LYS C 67 -48.61 -4.20 32.08
N GLN C 68 -48.02 -3.71 33.18
CA GLN C 68 -48.57 -3.92 34.52
C GLN C 68 -49.72 -2.96 34.84
N HIS C 69 -50.00 -2.04 33.91
CA HIS C 69 -51.06 -1.02 34.01
C HIS C 69 -50.84 -0.01 35.15
N ARG C 70 -49.58 0.18 35.53
CA ARG C 70 -49.17 1.22 36.48
C ARG C 70 -49.25 2.58 35.83
N ILE C 71 -49.12 2.58 34.50
CA ILE C 71 -49.23 3.75 33.66
CA ILE C 71 -49.29 3.78 33.69
C ILE C 71 -50.24 3.46 32.55
N ASP C 72 -50.85 4.50 31.98
CA ASP C 72 -51.81 4.35 30.89
C ASP C 72 -51.18 4.44 29.49
N ALA C 73 -50.08 5.18 29.39
CA ALA C 73 -49.36 5.36 28.11
C ALA C 73 -47.89 5.70 28.33
N VAL C 74 -47.05 5.36 27.36
CA VAL C 74 -45.66 5.80 27.33
C VAL C 74 -45.49 6.86 26.24
N ILE C 75 -45.02 8.04 26.64
CA ILE C 75 -44.66 9.09 25.69
C ILE C 75 -43.27 9.58 26.07
N THR C 76 -42.27 9.20 25.25
CA THR C 76 -40.86 9.34 25.64
C THR C 76 -39.89 9.42 24.45
N GLY C 77 -40.37 9.97 23.33
CA GLY C 77 -39.56 10.02 22.08
C GLY C 77 -39.18 8.63 21.63
N MET C 78 -40.12 7.68 21.75
CA MET C 78 -39.86 6.27 21.49
C MET C 78 -40.04 5.96 19.99
N SER C 79 -39.01 5.35 19.39
CA SER C 79 -39.08 4.93 17.99
C SER C 79 -40.09 3.78 17.82
N ILE C 80 -40.93 3.89 16.79
CA ILE C 80 -41.79 2.77 16.40
C ILE C 80 -40.95 1.73 15.63
N THR C 81 -40.76 0.56 16.21
CA THR C 81 -39.96 -0.49 15.58
C THR C 81 -40.79 -1.77 15.46
N PRO C 82 -40.56 -2.57 14.39
CA PRO C 82 -41.23 -3.87 14.24
C PRO C 82 -41.13 -4.76 15.49
N SER C 83 -39.98 -4.76 16.15
CA SER C 83 -39.82 -5.50 17.41
C SER C 83 -40.83 -5.06 18.50
N ARG C 84 -40.94 -3.75 18.69
CA ARG C 84 -41.87 -3.17 19.67
C ARG C 84 -43.33 -3.39 19.29
N LEU C 85 -43.60 -3.39 17.99
CA LEU C 85 -44.96 -3.57 17.48
C LEU C 85 -45.47 -5.01 17.67
N LYS C 86 -44.60 -5.89 18.13
CA LYS C 86 -45.00 -7.24 18.53
C LYS C 86 -45.42 -7.34 20.00
N GLU C 87 -45.06 -6.32 20.80
CA GLU C 87 -45.24 -6.33 22.26
CA GLU C 87 -45.36 -6.40 22.23
C GLU C 87 -46.29 -5.32 22.75
N ILE C 88 -46.39 -4.19 22.05
CA ILE C 88 -47.27 -3.09 22.49
C ILE C 88 -47.96 -2.46 21.28
N LEU C 89 -48.99 -1.65 21.55
CA LEU C 89 -49.60 -0.80 20.52
C LEU C 89 -48.90 0.55 20.49
N MET C 90 -48.70 1.13 19.30
CA MET C 90 -48.03 2.43 19.18
C MET C 90 -48.81 3.37 18.25
N ILE C 91 -49.17 4.56 18.75
CA ILE C 91 -49.88 5.56 17.96
C ILE C 91 -48.84 6.59 17.44
N PRO C 92 -48.65 6.67 16.11
CA PRO C 92 -47.71 7.63 15.54
C PRO C 92 -48.13 9.07 15.81
N TYR C 93 -47.17 9.94 16.14
CA TYR C 93 -47.46 11.35 16.32
C TYR C 93 -46.45 12.31 15.66
N TYR C 94 -45.30 11.76 15.23
CA TYR C 94 -44.22 12.57 14.65
C TYR C 94 -43.21 11.70 13.89
N GLY C 95 -42.67 12.24 12.80
CA GLY C 95 -41.52 11.65 12.10
C GLY C 95 -41.85 10.86 10.84
N GLU C 96 -40.92 10.89 9.88
CA GLU C 96 -41.01 10.06 8.67
C GLU C 96 -40.79 8.60 9.02
N GLU C 97 -41.45 7.70 8.29
CA GLU C 97 -41.05 6.30 8.33
C GLU C 97 -39.74 6.12 7.56
N ILE C 98 -38.77 5.45 8.16
CA ILE C 98 -37.48 5.19 7.51
C ILE C 98 -37.31 3.69 7.29
N LYS C 99 -37.51 3.27 6.05
CA LYS C 99 -37.40 1.87 5.67
C LYS C 99 -36.29 1.68 4.63
N HIS C 100 -35.74 2.81 4.15
CA HIS C 100 -34.63 2.82 3.21
C HIS C 100 -33.78 4.09 3.41
N LEU C 101 -32.54 4.04 2.90
CA LEU C 101 -31.64 5.20 2.93
C LEU C 101 -31.17 5.50 1.50
N VAL C 102 -30.61 6.69 1.30
CA VAL C 102 -30.15 7.13 -0.01
C VAL C 102 -28.60 7.19 -0.03
N LEU C 103 -28.00 6.37 -0.91
CA LEU C 103 -26.55 6.45 -1.18
C LEU C 103 -26.31 7.52 -2.24
N VAL C 104 -25.39 8.43 -1.94
CA VAL C 104 -25.09 9.59 -2.77
C VAL C 104 -23.61 9.54 -3.23
N PHE C 105 -23.37 9.80 -4.52
CA PHE C 105 -22.02 9.70 -5.10
C PHE C 105 -21.94 10.54 -6.36
N LYS C 106 -20.71 10.85 -6.77
CA LYS C 106 -20.47 11.68 -7.94
C LYS C 106 -20.12 10.77 -9.10
N GLY C 107 -20.89 10.88 -10.18
CA GLY C 107 -20.64 10.09 -11.39
C GLY C 107 -21.20 8.67 -11.35
N GLU C 108 -20.51 7.76 -12.03
CA GLU C 108 -20.96 6.38 -12.18
C GLU C 108 -20.68 5.51 -10.95
N ASN C 109 -21.66 4.72 -10.57
CA ASN C 109 -21.46 3.70 -9.54
C ASN C 109 -22.06 2.37 -10.00
N LYS C 110 -21.18 1.56 -10.57
CA LYS C 110 -21.49 0.27 -11.16
C LYS C 110 -22.08 -0.69 -10.13
N HIS C 111 -21.45 -0.77 -8.97
CA HIS C 111 -21.90 -1.64 -7.89
C HIS C 111 -21.97 -0.86 -6.57
N PRO C 112 -23.14 -0.23 -6.28
CA PRO C 112 -23.32 0.64 -5.11
C PRO C 112 -23.08 -0.08 -3.77
N LEU C 113 -23.54 -1.33 -3.67
CA LEU C 113 -23.38 -2.15 -2.48
C LEU C 113 -22.33 -3.23 -2.71
N PRO C 114 -21.70 -3.75 -1.64
CA PRO C 114 -21.87 -3.40 -0.22
C PRO C 114 -21.07 -2.17 0.22
N LEU C 115 -21.45 -1.61 1.36
CA LEU C 115 -20.82 -0.39 1.87
C LEU C 115 -19.40 -0.60 2.40
N THR C 116 -19.04 -1.86 2.60
CA THR C 116 -17.69 -2.27 3.02
C THR C 116 -16.62 -2.02 1.95
N GLN C 117 -17.04 -1.77 0.71
CA GLN C 117 -16.10 -1.57 -0.39
C GLN C 117 -15.43 -0.19 -0.34
N TYR C 118 -16.05 0.75 0.38
CA TYR C 118 -15.62 2.15 0.38
C TYR C 118 -14.59 2.47 1.46
N ARG C 119 -13.57 3.23 1.07
CA ARG C 119 -12.59 3.81 2.02
C ARG C 119 -13.25 4.56 3.17
N SER C 120 -14.39 5.20 2.88
CA SER C 120 -15.18 5.91 3.87
C SER C 120 -16.60 6.21 3.37
N VAL C 121 -17.53 6.33 4.31
CA VAL C 121 -18.90 6.69 4.02
C VAL C 121 -19.23 7.93 4.85
N ALA C 122 -19.54 9.03 4.16
CA ALA C 122 -19.85 10.28 4.85
C ALA C 122 -21.31 10.27 5.37
N VAL C 123 -21.50 10.79 6.58
CA VAL C 123 -22.83 10.79 7.23
C VAL C 123 -22.92 11.90 8.27
N GLN C 124 -24.15 12.35 8.56
CA GLN C 124 -24.36 13.37 9.58
C GLN C 124 -24.45 12.76 10.99
N THR C 125 -23.66 13.33 11.91
CA THR C 125 -23.69 12.99 13.33
C THR C 125 -25.11 13.06 13.91
N GLY C 126 -25.46 12.08 14.74
CA GLY C 126 -26.70 12.11 15.50
C GLY C 126 -27.95 11.64 14.75
N THR C 127 -27.76 11.17 13.51
CA THR C 127 -28.91 10.74 12.68
C THR C 127 -29.15 9.23 12.81
N TYR C 128 -30.34 8.76 12.43
CA TYR C 128 -30.56 7.32 12.42
C TYR C 128 -29.62 6.61 11.42
N GLN C 129 -29.39 7.22 10.26
CA GLN C 129 -28.45 6.64 9.26
C GLN C 129 -27.02 6.44 9.79
N GLU C 130 -26.57 7.33 10.67
CA GLU C 130 -25.27 7.13 11.34
C GLU C 130 -25.31 5.87 12.22
N ALA C 131 -26.38 5.72 12.99
CA ALA C 131 -26.56 4.54 13.86
C ALA C 131 -26.56 3.27 13.03
N TYR C 132 -27.27 3.30 11.91
CA TYR C 132 -27.27 2.18 10.97
C TYR C 132 -25.86 1.80 10.48
N LEU C 133 -25.08 2.80 10.06
CA LEU C 133 -23.72 2.57 9.57
C LEU C 133 -22.81 1.97 10.65
N GLN C 134 -22.99 2.46 11.88
CA GLN C 134 -22.25 1.96 13.04
C GLN C 134 -22.53 0.48 13.36
N SER C 135 -23.73 0.02 13.03
CA SER C 135 -24.10 -1.39 13.20
C SER C 135 -23.43 -2.33 12.18
N LEU C 136 -22.85 -1.78 11.12
CA LEU C 136 -22.28 -2.58 10.05
C LEU C 136 -20.80 -2.88 10.26
N SER C 137 -20.45 -4.16 10.16
CA SER C 137 -19.06 -4.60 10.23
C SER C 137 -18.25 -4.15 9.02
N GLU C 138 -17.02 -3.70 9.27
CA GLU C 138 -16.05 -3.33 8.23
C GLU C 138 -16.43 -2.11 7.41
N VAL C 139 -17.26 -1.22 7.99
CA VAL C 139 -17.62 0.02 7.31
C VAL C 139 -16.93 1.20 8.02
N HIS C 140 -16.18 1.98 7.24
CA HIS C 140 -15.50 3.19 7.72
C HIS C 140 -16.37 4.43 7.55
N ILE C 141 -16.59 5.15 8.64
CA ILE C 141 -17.51 6.29 8.67
C ILE C 141 -16.77 7.63 8.82
N ARG C 142 -17.15 8.61 8.02
CA ARG C 142 -16.72 9.99 8.26
C ARG C 142 -17.98 10.75 8.68
N SER C 143 -18.04 11.16 9.96
CA SER C 143 -19.23 11.84 10.48
CA SER C 143 -19.22 11.84 10.52
C SER C 143 -19.04 13.36 10.57
N PHE C 144 -20.10 14.09 10.23
CA PHE C 144 -20.08 15.56 10.23
C PHE C 144 -21.31 16.19 10.90
N ASP C 145 -21.16 17.42 11.38
CA ASP C 145 -22.26 18.16 12.05
C ASP C 145 -23.45 18.45 11.15
N SER C 146 -23.20 18.71 9.86
CA SER C 146 -24.23 19.21 8.94
C SER C 146 -24.27 18.45 7.61
N THR C 147 -25.45 18.49 6.99
CA THR C 147 -25.64 17.95 5.63
C THR C 147 -24.69 18.66 4.62
N LEU C 148 -24.51 19.97 4.79
CA LEU C 148 -23.56 20.74 3.98
C LEU C 148 -22.19 20.06 3.96
N GLU C 149 -21.67 19.75 5.15
CA GLU C 149 -20.36 19.09 5.27
C GLU C 149 -20.32 17.70 4.64
N VAL C 150 -21.36 16.88 4.87
CA VAL C 150 -21.48 15.55 4.28
C VAL C 150 -21.39 15.60 2.73
N LEU C 151 -22.13 16.52 2.13
CA LEU C 151 -22.19 16.61 0.68
C LEU C 151 -20.92 17.22 0.07
N MET C 152 -20.35 18.21 0.75
CA MET C 152 -19.11 18.81 0.25
C MET C 152 -17.94 17.81 0.31
N GLU C 153 -17.98 16.94 1.32
CA GLU C 153 -17.02 15.83 1.42
C GLU C 153 -16.97 14.97 0.14
N VAL C 154 -18.15 14.65 -0.39
CA VAL C 154 -18.28 13.89 -1.64
C VAL C 154 -17.93 14.74 -2.87
N MET C 155 -18.43 15.98 -2.91
CA MET C 155 -18.12 16.91 -4.00
C MET C 155 -16.60 17.11 -4.22
N HIS C 156 -15.83 17.16 -3.12
CA HIS C 156 -14.37 17.33 -3.21
C HIS C 156 -13.56 16.01 -3.36
N GLY C 157 -14.27 14.88 -3.44
CA GLY C 157 -13.61 13.58 -3.58
C GLY C 157 -12.90 13.07 -2.33
N LYS C 158 -13.24 13.62 -1.18
CA LYS C 158 -12.63 13.19 0.09
C LYS C 158 -13.21 11.86 0.58
N SER C 159 -14.50 11.65 0.35
CA SER C 159 -15.16 10.35 0.52
C SER C 159 -15.86 9.99 -0.78
N PRO C 160 -15.89 8.69 -1.14
CA PRO C 160 -16.56 8.28 -2.38
C PRO C 160 -18.10 8.34 -2.34
N VAL C 161 -18.68 8.17 -1.16
CA VAL C 161 -20.13 8.12 -1.01
C VAL C 161 -20.59 8.82 0.27
N ALA C 162 -21.86 9.22 0.28
CA ALA C 162 -22.55 9.68 1.49
C ALA C 162 -23.89 8.94 1.65
N VAL C 163 -24.43 8.93 2.87
CA VAL C 163 -25.74 8.33 3.12
C VAL C 163 -26.66 9.40 3.74
N LEU C 164 -27.83 9.58 3.14
CA LEU C 164 -28.85 10.52 3.60
C LEU C 164 -30.16 9.78 3.91
N GLU C 165 -30.95 10.40 4.78
CA GLU C 165 -32.33 9.98 5.00
C GLU C 165 -33.18 10.49 3.80
N PRO C 166 -34.09 9.66 3.28
CA PRO C 166 -34.82 10.01 2.04
C PRO C 166 -35.54 11.35 2.01
N SER C 167 -36.21 11.73 3.11
CA SER C 167 -36.96 12.99 3.11
C SER C 167 -36.02 14.22 3.03
N ILE C 168 -34.83 14.11 3.60
CA ILE C 168 -33.80 15.18 3.47
C ILE C 168 -33.18 15.17 2.06
N ALA C 169 -32.81 13.99 1.56
CA ALA C 169 -32.28 13.83 0.19
C ALA C 169 -33.18 14.48 -0.86
N GLN C 170 -34.49 14.26 -0.73
CA GLN C 170 -35.49 14.84 -1.62
C GLN C 170 -35.37 16.37 -1.73
N VAL C 171 -35.14 17.03 -0.60
CA VAL C 171 -35.04 18.49 -0.56
C VAL C 171 -33.65 18.98 -1.00
N VAL C 172 -32.59 18.49 -0.35
CA VAL C 172 -31.24 19.10 -0.51
C VAL C 172 -30.56 18.85 -1.87
N LEU C 173 -30.82 17.68 -2.47
CA LEU C 173 -30.12 17.31 -3.70
C LEU C 173 -30.51 18.12 -4.94
N LYS C 174 -31.58 18.90 -4.84
CA LYS C 174 -31.98 19.84 -5.89
C LYS C 174 -30.83 20.80 -6.24
N ASP C 175 -29.95 21.06 -5.26
CA ASP C 175 -28.81 21.98 -5.44
C ASP C 175 -27.50 21.30 -5.89
N PHE C 176 -27.56 19.98 -6.11
CA PHE C 176 -26.36 19.18 -6.40
C PHE C 176 -26.52 18.37 -7.68
N PRO C 177 -26.55 19.05 -8.84
CA PRO C 177 -26.68 18.32 -10.11
C PRO C 177 -25.59 17.24 -10.35
N ALA C 178 -24.40 17.41 -9.77
CA ALA C 178 -23.30 16.45 -9.94
C ALA C 178 -23.54 15.11 -9.25
N LEU C 179 -24.43 15.10 -8.27
CA LEU C 179 -24.60 13.93 -7.44
C LEU C 179 -25.66 12.98 -7.97
N SER C 180 -25.35 11.69 -7.97
CA SER C 180 -26.34 10.66 -8.30
C SER C 180 -26.69 9.88 -7.03
N THR C 181 -27.72 9.02 -7.13
CA THR C 181 -28.22 8.27 -5.97
C THR C 181 -28.49 6.80 -6.28
N ALA C 182 -28.39 5.97 -5.24
CA ALA C 182 -28.88 4.60 -5.25
C ALA C 182 -29.62 4.33 -3.93
N THR C 183 -30.58 3.42 -3.98
CA THR C 183 -31.38 3.06 -2.81
C THR C 183 -30.66 2.01 -1.98
N ILE C 184 -30.58 2.24 -0.68
CA ILE C 184 -30.18 1.21 0.28
C ILE C 184 -31.46 0.70 0.98
N ASP C 185 -31.85 -0.54 0.74
CA ASP C 185 -33.00 -1.09 1.45
C ASP C 185 -32.61 -1.57 2.84
N LEU C 186 -33.31 -1.10 3.86
CA LEU C 186 -33.02 -1.54 5.22
C LEU C 186 -33.69 -2.88 5.53
N PRO C 187 -32.98 -3.77 6.24
CA PRO C 187 -33.64 -4.98 6.73
C PRO C 187 -34.78 -4.54 7.64
N GLU C 188 -35.87 -5.28 7.62
CA GLU C 188 -37.08 -4.92 8.35
C GLU C 188 -36.79 -4.68 9.84
N ASP C 189 -35.91 -5.49 10.42
CA ASP C 189 -35.54 -5.31 11.83
C ASP C 189 -34.83 -3.99 12.14
N GLN C 190 -34.47 -3.23 11.10
CA GLN C 190 -33.82 -1.93 11.24
C GLN C 190 -34.74 -0.74 10.91
N TRP C 191 -35.97 -1.02 10.51
CA TRP C 191 -36.92 0.06 10.20
C TRP C 191 -37.26 0.85 11.45
N VAL C 192 -37.41 2.17 11.30
CA VAL C 192 -38.02 2.99 12.37
C VAL C 192 -39.17 3.78 11.73
N LEU C 193 -40.35 3.66 12.31
CA LEU C 193 -41.56 4.17 11.67
C LEU C 193 -42.06 5.45 12.33
N GLY C 194 -41.15 6.39 12.54
CA GLY C 194 -41.45 7.61 13.28
C GLY C 194 -41.45 7.36 14.79
N TYR C 195 -42.06 8.30 15.51
CA TYR C 195 -42.16 8.24 16.97
C TYR C 195 -43.62 7.94 17.36
N GLY C 196 -43.80 7.17 18.43
CA GLY C 196 -45.14 6.74 18.84
C GLY C 196 -45.41 6.73 20.33
N ILE C 197 -46.70 6.84 20.66
CA ILE C 197 -47.22 6.67 22.01
C ILE C 197 -47.49 5.18 22.26
N GLY C 198 -46.85 4.60 23.27
CA GLY C 198 -47.04 3.21 23.63
C GLY C 198 -48.29 2.98 24.49
N VAL C 199 -49.10 2.00 24.11
CA VAL C 199 -50.31 1.61 24.85
C VAL C 199 -50.29 0.09 25.00
N ALA C 200 -50.70 -0.42 26.16
CA ALA C 200 -50.69 -1.87 26.40
C ALA C 200 -51.55 -2.61 25.36
N SER C 201 -51.09 -3.79 24.95
CA SER C 201 -51.75 -4.58 23.91
C SER C 201 -53.15 -5.02 24.34
N ASP C 202 -53.36 -5.13 25.64
CA ASP C 202 -54.65 -5.54 26.20
C ASP C 202 -55.56 -4.34 26.55
N ARG C 203 -55.21 -3.17 26.01
CA ARG C 203 -56.06 -1.98 26.10
C ARG C 203 -56.30 -1.32 24.75
N PRO C 204 -56.82 -2.08 23.76
CA PRO C 204 -57.04 -1.51 22.42
C PRO C 204 -58.07 -0.37 22.39
N ALA C 205 -59.08 -0.43 23.28
CA ALA C 205 -60.09 0.63 23.35
C ALA C 205 -59.45 1.98 23.73
N LEU C 206 -58.51 1.95 24.69
CA LEU C 206 -57.74 3.15 25.04
C LEU C 206 -56.87 3.63 23.87
N ALA C 207 -56.21 2.69 23.19
CA ALA C 207 -55.35 3.02 22.03
C ALA C 207 -56.16 3.77 20.96
N LEU C 208 -57.39 3.32 20.72
CA LEU C 208 -58.29 3.97 19.76
C LEU C 208 -58.69 5.39 20.17
N LYS C 209 -58.93 5.58 21.48
CA LYS C 209 -59.25 6.91 22.02
C LYS C 209 -58.07 7.86 21.84
N ILE C 210 -56.85 7.38 22.13
CA ILE C 210 -55.65 8.21 21.96
C ILE C 210 -55.39 8.54 20.48
N GLU C 211 -55.60 7.57 19.59
CA GLU C 211 -55.53 7.80 18.15
C GLU C 211 -56.50 8.89 17.70
N ALA C 212 -57.76 8.79 18.13
CA ALA C 212 -58.78 9.80 17.82
C ALA C 212 -58.37 11.19 18.33
N ALA C 213 -57.86 11.25 19.56
CA ALA C 213 -57.32 12.49 20.14
C ALA C 213 -56.17 13.10 19.30
N VAL C 214 -55.15 12.29 19.00
CA VAL C 214 -54.03 12.70 18.13
C VAL C 214 -54.55 13.21 16.77
N GLN C 215 -55.49 12.48 16.16
CA GLN C 215 -56.07 12.92 14.87
C GLN C 215 -56.71 14.31 14.94
N GLU C 216 -57.49 14.57 16.00
CA GLU C 216 -58.12 15.87 16.22
C GLU C 216 -57.10 17.00 16.46
N ILE C 217 -56.11 16.73 17.31
CA ILE C 217 -55.01 17.66 17.59
C ILE C 217 -54.25 18.03 16.29
N ARG C 218 -54.06 17.04 15.42
CA ARG C 218 -53.45 17.26 14.11
C ARG C 218 -54.30 18.18 13.23
N LYS C 219 -55.58 17.83 13.03
CA LYS C 219 -56.48 18.59 12.15
C LYS C 219 -56.69 20.04 12.63
N GLU C 220 -56.69 20.24 13.94
CA GLU C 220 -56.79 21.57 14.54
C GLU C 220 -55.55 22.44 14.27
N GLY C 221 -54.44 21.79 13.94
CA GLY C 221 -53.20 22.49 13.68
C GLY C 221 -52.31 22.61 14.91
N VAL C 222 -52.79 22.09 16.04
CA VAL C 222 -52.07 22.16 17.31
C VAL C 222 -50.76 21.36 17.26
N LEU C 223 -50.80 20.22 16.60
CA LEU C 223 -49.62 19.37 16.42
C LEU C 223 -48.48 20.11 15.69
N ALA C 224 -48.81 20.80 14.60
CA ALA C 224 -47.82 21.64 13.90
C ALA C 224 -47.32 22.82 14.75
N GLU C 225 -48.24 23.42 15.52
CA GLU C 225 -47.88 24.53 16.43
C GLU C 225 -46.86 24.08 17.46
N LEU C 226 -47.09 22.90 18.04
CA LEU C 226 -46.16 22.32 19.03
C LEU C 226 -44.80 21.94 18.43
N GLU C 227 -44.79 21.41 17.20
CA GLU C 227 -43.52 21.10 16.52
C GLU C 227 -42.65 22.36 16.36
N GLN C 228 -43.28 23.43 15.89
CA GLN C 228 -42.60 24.71 15.69
C GLN C 228 -42.08 25.28 17.01
N LYS C 229 -42.95 25.35 18.01
CA LYS C 229 -42.66 25.92 19.33
C LYS C 229 -41.49 25.23 20.01
N TRP C 230 -41.46 23.89 19.95
CA TRP C 230 -40.42 23.10 20.59
C TRP C 230 -39.18 22.82 19.69
N GLY C 231 -39.19 23.34 18.47
CA GLY C 231 -38.04 23.22 17.55
C GLY C 231 -37.74 21.83 16.99
N LEU C 232 -38.77 21.00 16.85
CA LEU C 232 -38.58 19.64 16.33
C LEU C 232 -37.98 19.61 14.92
N ASN C 233 -38.31 20.61 14.10
CA ASN C 233 -37.77 20.71 12.74
C ASN C 233 -36.23 20.78 12.71
N ASN C 234 -35.63 21.13 13.85
CA ASN C 234 -34.17 21.19 14.00
C ASN C 234 -33.57 20.21 15.01
N LEU C 235 -34.32 19.15 15.29
CA LEU C 235 -33.91 18.05 16.16
C LEU C 235 -32.49 17.56 15.83
N GLU C 236 -31.63 17.43 16.84
CA GLU C 236 -30.23 17.06 16.63
C GLU C 236 -29.94 15.58 16.84
N HIS C 237 -30.70 14.96 17.74
CA HIS C 237 -30.52 13.55 18.05
C HIS C 237 -31.76 12.76 17.60
N HIS C 238 -31.65 12.09 16.46
CA HIS C 238 -32.77 11.38 15.84
C HIS C 238 -32.86 9.95 16.37
N HIS C 239 -34.07 9.52 16.72
CA HIS C 239 -34.32 8.14 17.09
C HIS C 239 -33.31 7.64 18.15
N HIS C 240 -33.16 8.43 19.21
CA HIS C 240 -32.29 8.10 20.34
C HIS C 240 -32.72 6.83 21.09
N HIS C 241 -34.01 6.47 20.98
CA HIS C 241 -34.53 5.25 21.58
C HIS C 241 -35.08 4.25 20.54
N HIS C 242 -34.20 3.68 19.70
CA HIS C 242 -34.63 2.71 18.68
C HIS C 242 -34.32 1.24 18.98
N GLU D 11 50.32 2.24 -41.86
CA GLU D 11 50.74 0.99 -41.16
C GLU D 11 49.60 0.35 -40.38
N LYS D 12 49.96 -0.60 -39.51
CA LYS D 12 48.99 -1.47 -38.84
C LYS D 12 48.86 -1.20 -37.34
N PHE D 13 47.63 -1.32 -36.85
CA PHE D 13 47.35 -1.35 -35.41
C PHE D 13 46.95 -2.79 -35.07
N ILE D 14 47.89 -3.55 -34.51
CA ILE D 14 47.70 -4.98 -34.25
C ILE D 14 47.12 -5.21 -32.85
N VAL D 15 45.91 -5.74 -32.81
CA VAL D 15 45.18 -5.97 -31.56
C VAL D 15 45.05 -7.46 -31.26
N GLY D 16 45.53 -7.87 -30.09
CA GLY D 16 45.39 -9.23 -29.62
C GLY D 16 44.11 -9.41 -28.79
N THR D 17 43.38 -10.48 -29.07
CA THR D 17 42.17 -10.78 -28.35
C THR D 17 41.99 -12.28 -28.18
N ASN D 18 41.19 -12.68 -27.19
CA ASN D 18 40.80 -14.06 -27.01
C ASN D 18 39.28 -14.13 -27.23
N ALA D 19 38.88 -14.63 -28.39
CA ALA D 19 37.47 -14.50 -28.83
C ALA D 19 36.50 -15.49 -28.17
N THR D 20 36.35 -15.38 -26.85
CA THR D 20 35.59 -16.33 -26.04
C THR D 20 34.65 -15.64 -25.04
N TYR D 21 34.33 -14.36 -25.26
CA TYR D 21 33.69 -13.55 -24.21
C TYR D 21 32.64 -12.59 -24.78
N PRO D 22 31.45 -13.11 -25.15
CA PRO D 22 30.34 -12.24 -25.53
C PRO D 22 29.91 -11.37 -24.36
N PRO D 23 29.55 -10.10 -24.62
CA PRO D 23 29.46 -9.43 -25.91
C PRO D 23 30.74 -8.69 -26.37
N PHE D 24 31.84 -8.87 -25.64
CA PHE D 24 33.09 -8.15 -25.95
C PHE D 24 33.75 -8.63 -27.25
N GLU D 25 33.96 -9.95 -27.36
CA GLU D 25 34.46 -10.60 -28.58
C GLU D 25 34.01 -12.05 -28.59
N PHE D 26 33.61 -12.49 -29.78
CA PHE D 26 33.25 -13.88 -30.02
C PHE D 26 33.32 -14.13 -31.53
N VAL D 27 33.16 -15.38 -31.93
CA VAL D 27 33.32 -15.78 -33.32
C VAL D 27 31.94 -15.95 -33.95
N ASP D 28 31.70 -15.24 -35.05
CA ASP D 28 30.47 -15.42 -35.81
C ASP D 28 30.52 -16.71 -36.67
N LYS D 29 29.47 -16.96 -37.44
CA LYS D 29 29.39 -18.16 -38.26
C LYS D 29 30.24 -18.11 -39.54
N ARG D 30 30.80 -16.94 -39.86
CA ARG D 30 31.85 -16.81 -40.90
C ARG D 30 33.22 -17.20 -40.35
N GLY D 31 33.33 -17.37 -39.04
CA GLY D 31 34.62 -17.65 -38.41
C GLY D 31 35.40 -16.38 -38.14
N GLU D 32 34.74 -15.23 -38.26
CA GLU D 32 35.34 -13.93 -38.01
C GLU D 32 35.08 -13.47 -36.57
N VAL D 33 36.04 -12.74 -35.99
CA VAL D 33 35.84 -12.20 -34.64
C VAL D 33 35.03 -10.91 -34.70
N VAL D 34 33.91 -10.89 -33.97
CA VAL D 34 33.07 -9.70 -33.85
C VAL D 34 32.83 -9.34 -32.38
N GLY D 35 32.23 -8.18 -32.14
CA GLY D 35 31.85 -7.79 -30.78
C GLY D 35 32.12 -6.33 -30.49
N PHE D 36 31.75 -5.92 -29.27
CA PHE D 36 31.93 -4.57 -28.79
C PHE D 36 33.40 -4.16 -28.87
N ASP D 37 34.30 -5.03 -28.40
CA ASP D 37 35.74 -4.72 -28.43
C ASP D 37 36.28 -4.59 -29.87
N ILE D 38 35.72 -5.36 -30.80
CA ILE D 38 36.14 -5.33 -32.21
C ILE D 38 35.70 -4.02 -32.88
N ASP D 39 34.45 -3.62 -32.64
CA ASP D 39 33.95 -2.33 -33.12
C ASP D 39 34.74 -1.15 -32.49
N LEU D 40 35.06 -1.26 -31.20
CA LEU D 40 35.86 -0.23 -30.50
C LEU D 40 37.29 -0.14 -31.09
N ALA D 41 37.93 -1.30 -31.27
CA ALA D 41 39.27 -1.39 -31.89
C ALA D 41 39.30 -0.76 -33.27
N ARG D 42 38.23 -0.94 -34.05
CA ARG D 42 38.14 -0.34 -35.39
C ARG D 42 38.01 1.19 -35.31
N GLU D 43 37.20 1.68 -34.38
CA GLU D 43 37.06 3.13 -34.14
C GLU D 43 38.38 3.76 -33.68
N ILE D 44 39.11 3.06 -32.81
CA ILE D 44 40.43 3.52 -32.34
C ILE D 44 41.42 3.55 -33.52
N SER D 45 41.47 2.46 -34.28
CA SER D 45 42.37 2.38 -35.44
C SER D 45 42.11 3.55 -36.40
N ASN D 46 40.84 3.87 -36.62
CA ASN D 46 40.46 5.01 -37.46
C ASN D 46 40.97 6.36 -36.89
N LYS D 47 40.83 6.56 -35.57
CA LYS D 47 41.38 7.76 -34.91
C LYS D 47 42.91 7.85 -34.97
N LEU D 48 43.59 6.71 -34.90
CA LEU D 48 45.05 6.63 -35.02
C LEU D 48 45.55 6.74 -36.46
N GLY D 49 44.65 6.66 -37.44
CA GLY D 49 45.02 6.69 -38.85
C GLY D 49 45.74 5.43 -39.30
N LYS D 50 45.36 4.28 -38.73
CA LYS D 50 46.02 3.00 -38.99
C LYS D 50 44.99 1.95 -39.44
N THR D 51 45.47 0.87 -40.06
CA THR D 51 44.63 -0.27 -40.44
C THR D 51 44.63 -1.29 -39.32
N LEU D 52 43.42 -1.65 -38.87
CA LEU D 52 43.24 -2.61 -37.78
C LEU D 52 43.62 -4.02 -38.23
N ASP D 53 44.37 -4.73 -37.38
CA ASP D 53 44.70 -6.13 -37.62
C ASP D 53 44.42 -6.91 -36.33
N VAL D 54 43.29 -7.61 -36.31
CA VAL D 54 42.87 -8.39 -35.14
C VAL D 54 43.51 -9.78 -35.18
N ARG D 55 44.22 -10.13 -34.11
CA ARG D 55 44.84 -11.45 -34.00
C ARG D 55 44.37 -12.20 -32.76
N GLU D 56 44.06 -13.49 -32.92
CA GLU D 56 43.55 -14.35 -31.84
C GLU D 56 44.68 -15.09 -31.12
N PHE D 57 44.55 -15.18 -29.80
CA PHE D 57 45.52 -15.88 -28.95
C PHE D 57 44.75 -16.50 -27.78
N SER D 58 45.33 -17.53 -27.17
CA SER D 58 44.94 -17.93 -25.81
C SER D 58 45.03 -16.70 -24.89
N PHE D 59 44.09 -16.58 -23.96
CA PHE D 59 44.12 -15.44 -23.04
C PHE D 59 45.46 -15.32 -22.31
N ASP D 60 45.99 -16.46 -21.85
CA ASP D 60 47.22 -16.49 -21.05
C ASP D 60 48.48 -16.18 -21.84
N ALA D 61 48.33 -15.98 -23.15
CA ALA D 61 49.45 -15.63 -24.03
C ALA D 61 49.43 -14.16 -24.44
N LEU D 62 48.35 -13.45 -24.11
CA LEU D 62 48.17 -12.05 -24.56
C LEU D 62 49.19 -11.05 -24.03
N ILE D 63 49.41 -11.05 -22.72
CA ILE D 63 50.35 -10.11 -22.09
C ILE D 63 51.78 -10.33 -22.59
N LEU D 64 52.21 -11.59 -22.64
CA LEU D 64 53.54 -11.96 -23.13
C LEU D 64 53.80 -11.41 -24.54
N ASN D 65 52.83 -11.60 -25.43
CA ASN D 65 52.91 -11.08 -26.81
C ASN D 65 52.97 -9.55 -26.88
N LEU D 66 52.20 -8.90 -26.01
CA LEU D 66 52.21 -7.44 -25.87
C LEU D 66 53.59 -6.92 -25.48
N LYS D 67 54.19 -7.57 -24.48
CA LYS D 67 55.51 -7.21 -23.96
C LYS D 67 56.58 -7.46 -25.01
N GLN D 68 56.41 -8.52 -25.79
CA GLN D 68 57.32 -8.85 -26.89
C GLN D 68 57.12 -7.97 -28.15
N HIS D 69 56.14 -7.05 -28.08
CA HIS D 69 55.75 -6.17 -29.21
C HIS D 69 55.27 -6.90 -30.47
N ARG D 70 54.75 -8.11 -30.31
CA ARG D 70 54.15 -8.89 -31.41
C ARG D 70 52.77 -8.35 -31.74
N ILE D 71 52.13 -7.75 -30.74
CA ILE D 71 50.87 -7.04 -30.93
C ILE D 71 51.04 -5.64 -30.32
N ASP D 72 50.18 -4.70 -30.72
CA ASP D 72 50.27 -3.32 -30.24
C ASP D 72 49.35 -3.00 -29.03
N ALA D 73 48.24 -3.73 -28.92
CA ALA D 73 47.33 -3.58 -27.79
C ALA D 73 46.55 -4.86 -27.54
N VAL D 74 46.13 -5.01 -26.29
CA VAL D 74 45.27 -6.11 -25.88
C VAL D 74 43.86 -5.54 -25.60
N ILE D 75 42.87 -6.04 -26.33
CA ILE D 75 41.48 -5.66 -26.10
C ILE D 75 40.67 -6.95 -26.10
N THR D 76 40.26 -7.37 -24.91
CA THR D 76 39.73 -8.71 -24.71
C THR D 76 38.80 -8.81 -23.47
N GLY D 77 38.08 -7.72 -23.16
CA GLY D 77 37.22 -7.68 -21.95
C GLY D 77 38.03 -7.89 -20.69
N MET D 78 39.25 -7.33 -20.66
CA MET D 78 40.21 -7.55 -19.58
C MET D 78 39.94 -6.60 -18.40
N SER D 79 39.83 -7.16 -17.20
CA SER D 79 39.63 -6.34 -15.99
C SER D 79 40.91 -5.55 -15.65
N ILE D 80 40.73 -4.27 -15.30
CA ILE D 80 41.83 -3.47 -14.73
C ILE D 80 42.01 -3.85 -13.26
N THR D 81 43.11 -4.53 -12.96
CA THR D 81 43.41 -4.95 -11.59
C THR D 81 44.72 -4.31 -11.14
N PRO D 82 44.86 -4.00 -9.83
CA PRO D 82 46.15 -3.50 -9.32
C PRO D 82 47.36 -4.35 -9.72
N SER D 83 47.22 -5.67 -9.74
CA SER D 83 48.27 -6.61 -10.19
C SER D 83 48.77 -6.33 -11.63
N ARG D 84 47.81 -6.20 -12.56
CA ARG D 84 48.12 -5.90 -13.96
C ARG D 84 48.72 -4.52 -14.16
N LEU D 85 48.27 -3.56 -13.36
CA LEU D 85 48.77 -2.18 -13.45
C LEU D 85 50.23 -2.06 -12.99
N LYS D 86 50.75 -3.14 -12.40
CA LYS D 86 52.19 -3.28 -12.09
C LYS D 86 53.03 -3.68 -13.31
N GLU D 87 52.38 -4.24 -14.32
CA GLU D 87 53.03 -4.93 -15.44
C GLU D 87 52.84 -4.23 -16.78
N ILE D 88 51.68 -3.61 -16.96
CA ILE D 88 51.25 -3.01 -18.23
C ILE D 88 50.49 -1.70 -17.99
N LEU D 89 50.29 -0.94 -19.06
CA LEU D 89 49.41 0.22 -19.05
C LEU D 89 48.00 -0.23 -19.46
N MET D 90 46.97 0.32 -18.81
CA MET D 90 45.58 -0.01 -19.18
C MET D 90 44.76 1.28 -19.34
N ILE D 91 44.16 1.46 -20.51
CA ILE D 91 43.27 2.58 -20.78
C ILE D 91 41.82 2.14 -20.53
N PRO D 92 41.13 2.77 -19.56
CA PRO D 92 39.73 2.37 -19.27
C PRO D 92 38.79 2.74 -20.41
N TYR D 93 37.81 1.86 -20.68
CA TYR D 93 36.83 2.18 -21.72
C TYR D 93 35.38 1.80 -21.35
N TYR D 94 35.22 1.00 -20.31
CA TYR D 94 33.91 0.59 -19.85
C TYR D 94 33.95 0.09 -18.40
N GLY D 95 32.84 0.32 -17.69
CA GLY D 95 32.59 -0.32 -16.39
C GLY D 95 32.80 0.57 -15.17
N GLU D 96 32.05 0.27 -14.10
CA GLU D 96 32.25 0.93 -12.81
C GLU D 96 33.49 0.39 -12.11
N GLU D 97 34.20 1.25 -11.40
CA GLU D 97 35.23 0.78 -10.48
C GLU D 97 34.55 0.07 -9.30
N ILE D 98 35.07 -1.10 -8.93
CA ILE D 98 34.53 -1.87 -7.81
C ILE D 98 35.64 -2.05 -6.77
N LYS D 99 35.55 -1.24 -5.71
CA LYS D 99 36.50 -1.24 -4.59
C LYS D 99 35.80 -1.62 -3.28
N HIS D 100 34.48 -1.71 -3.36
CA HIS D 100 33.66 -2.14 -2.21
C HIS D 100 32.36 -2.82 -2.68
N LEU D 101 31.71 -3.53 -1.77
CA LEU D 101 30.44 -4.19 -2.06
C LEU D 101 29.41 -3.76 -1.00
N VAL D 102 28.13 -4.03 -1.25
CA VAL D 102 27.08 -3.62 -0.33
C VAL D 102 26.43 -4.86 0.28
N LEU D 103 26.56 -4.98 1.60
CA LEU D 103 25.84 -6.01 2.34
C LEU D 103 24.42 -5.52 2.68
N VAL D 104 23.42 -6.35 2.37
CA VAL D 104 22.02 -5.99 2.49
C VAL D 104 21.33 -6.97 3.46
N PHE D 105 20.50 -6.44 4.36
CA PHE D 105 19.86 -7.25 5.41
C PHE D 105 18.63 -6.52 5.96
N LYS D 106 17.79 -7.26 6.68
CA LYS D 106 16.59 -6.70 7.26
C LYS D 106 16.85 -6.49 8.75
N GLY D 107 16.68 -5.25 9.22
CA GLY D 107 16.85 -4.93 10.64
C GLY D 107 18.29 -4.66 11.07
N GLU D 108 18.65 -5.19 12.24
CA GLU D 108 19.95 -4.94 12.87
C GLU D 108 21.04 -5.89 12.38
N ASN D 109 22.26 -5.38 12.28
CA ASN D 109 23.45 -6.20 12.04
C ASN D 109 24.64 -5.55 12.74
N LYS D 110 24.92 -5.98 13.97
CA LYS D 110 25.96 -5.35 14.80
C LYS D 110 27.36 -5.59 14.24
N HIS D 111 27.61 -6.81 13.79
CA HIS D 111 28.90 -7.20 13.21
C HIS D 111 28.69 -7.75 11.82
N PRO D 112 28.67 -6.87 10.79
CA PRO D 112 28.46 -7.28 9.39
C PRO D 112 29.44 -8.38 8.92
N LEU D 113 30.66 -8.31 9.40
CA LEU D 113 31.72 -9.24 9.02
C LEU D 113 32.12 -10.11 10.20
N PRO D 114 32.74 -11.28 9.94
CA PRO D 114 33.07 -11.82 8.62
C PRO D 114 31.86 -12.47 7.93
N LEU D 115 31.97 -12.67 6.62
CA LEU D 115 30.87 -13.27 5.85
C LEU D 115 30.72 -14.76 6.15
N THR D 116 31.76 -15.35 6.75
CA THR D 116 31.73 -16.75 7.20
C THR D 116 30.67 -17.03 8.26
N GLN D 117 30.21 -15.99 8.95
CA GLN D 117 29.25 -16.12 10.07
C GLN D 117 27.83 -16.54 9.61
N TYR D 118 27.48 -16.21 8.37
CA TYR D 118 26.12 -16.40 7.87
C TYR D 118 25.87 -17.82 7.39
N ARG D 119 24.71 -18.35 7.71
CA ARG D 119 24.34 -19.67 7.21
C ARG D 119 24.28 -19.68 5.68
N SER D 120 23.90 -18.54 5.10
CA SER D 120 24.00 -18.32 3.64
C SER D 120 24.09 -16.83 3.26
N VAL D 121 24.71 -16.59 2.10
CA VAL D 121 24.82 -15.24 1.56
C VAL D 121 24.25 -15.26 0.15
N ALA D 122 23.19 -14.49 -0.06
CA ALA D 122 22.53 -14.43 -1.35
C ALA D 122 23.30 -13.53 -2.32
N VAL D 123 23.43 -13.98 -3.57
CA VAL D 123 24.21 -13.24 -4.58
C VAL D 123 23.73 -13.61 -6.00
N GLN D 124 23.97 -12.71 -6.95
CA GLN D 124 23.57 -12.95 -8.33
C GLN D 124 24.66 -13.72 -9.10
N THR D 125 24.26 -14.82 -9.73
CA THR D 125 25.11 -15.61 -10.62
C THR D 125 25.79 -14.73 -11.69
N GLY D 126 27.06 -15.02 -11.94
CA GLY D 126 27.82 -14.40 -13.03
C GLY D 126 28.38 -13.01 -12.72
N THR D 127 28.21 -12.53 -11.49
CA THR D 127 28.67 -11.17 -11.14
C THR D 127 30.07 -11.22 -10.54
N TYR D 128 30.75 -10.08 -10.50
CA TYR D 128 32.06 -10.06 -9.83
C TYR D 128 31.90 -10.39 -8.33
N GLN D 129 30.86 -9.85 -7.70
CA GLN D 129 30.61 -10.14 -6.27
C GLN D 129 30.48 -11.64 -5.97
N GLU D 130 29.86 -12.41 -6.87
CA GLU D 130 29.83 -13.87 -6.73
C GLU D 130 31.23 -14.48 -6.72
N ALA D 131 32.08 -14.08 -7.68
CA ALA D 131 33.45 -14.55 -7.77
C ALA D 131 34.22 -14.21 -6.49
N TYR D 132 34.04 -12.98 -6.00
CA TYR D 132 34.65 -12.59 -4.73
C TYR D 132 34.23 -13.54 -3.60
N LEU D 133 32.92 -13.78 -3.47
CA LEU D 133 32.40 -14.67 -2.42
C LEU D 133 32.95 -16.08 -2.55
N GLN D 134 33.09 -16.55 -3.79
CA GLN D 134 33.63 -17.89 -4.07
C GLN D 134 35.09 -18.05 -3.61
N SER D 135 35.87 -16.98 -3.72
CA SER D 135 37.28 -16.96 -3.31
C SER D 135 37.46 -17.02 -1.78
N LEU D 136 36.41 -16.72 -1.04
CA LEU D 136 36.48 -16.70 0.43
C LEU D 136 36.23 -18.07 1.04
N SER D 137 37.16 -18.53 1.86
CA SER D 137 37.01 -19.82 2.55
C SER D 137 35.81 -19.81 3.48
N GLU D 138 35.03 -20.90 3.45
CA GLU D 138 33.92 -21.13 4.38
C GLU D 138 32.80 -20.08 4.30
N VAL D 139 32.60 -19.52 3.10
CA VAL D 139 31.45 -18.67 2.86
C VAL D 139 30.44 -19.46 2.04
N HIS D 140 29.24 -19.52 2.58
CA HIS D 140 28.16 -20.35 2.06
C HIS D 140 27.25 -19.50 1.18
N ILE D 141 27.24 -19.79 -0.13
CA ILE D 141 26.55 -18.96 -1.13
C ILE D 141 25.21 -19.54 -1.60
N ARG D 142 24.19 -18.69 -1.71
CA ARG D 142 22.96 -19.02 -2.44
C ARG D 142 22.97 -18.10 -3.66
N SER D 143 23.08 -18.71 -4.86
CA SER D 143 23.18 -17.96 -6.12
C SER D 143 21.87 -17.92 -6.88
N PHE D 144 21.56 -16.76 -7.48
CA PHE D 144 20.31 -16.57 -8.22
C PHE D 144 20.54 -15.88 -9.56
N ASP D 145 19.64 -16.11 -10.52
CA ASP D 145 19.72 -15.48 -11.84
C ASP D 145 19.56 -13.96 -11.84
N SER D 146 18.77 -13.43 -10.90
CA SER D 146 18.40 -12.00 -10.94
C SER D 146 18.54 -11.31 -9.58
N THR D 147 18.70 -9.98 -9.64
CA THR D 147 18.68 -9.16 -8.43
C THR D 147 17.33 -9.33 -7.70
N LEU D 148 16.23 -9.39 -8.45
CA LEU D 148 14.90 -9.63 -7.87
C LEU D 148 14.90 -10.85 -6.93
N GLU D 149 15.42 -11.97 -7.43
CA GLU D 149 15.53 -13.22 -6.63
C GLU D 149 16.46 -13.12 -5.43
N VAL D 150 17.62 -12.49 -5.63
CA VAL D 150 18.54 -12.21 -4.53
C VAL D 150 17.83 -11.46 -3.37
N LEU D 151 17.10 -10.39 -3.70
CA LEU D 151 16.45 -9.57 -2.66
C LEU D 151 15.23 -10.23 -2.02
N MET D 152 14.46 -10.96 -2.82
CA MET D 152 13.30 -11.67 -2.28
C MET D 152 13.72 -12.80 -1.33
N GLU D 153 14.88 -13.40 -1.60
CA GLU D 153 15.51 -14.36 -0.69
C GLU D 153 15.69 -13.78 0.74
N VAL D 154 16.17 -12.54 0.80
CA VAL D 154 16.32 -11.82 2.08
C VAL D 154 14.97 -11.39 2.67
N MET D 155 14.07 -10.85 1.82
CA MET D 155 12.75 -10.40 2.27
C MET D 155 11.93 -11.53 2.93
N HIS D 156 12.04 -12.76 2.40
CA HIS D 156 11.31 -13.92 2.95
C HIS D 156 12.08 -14.62 4.09
N GLY D 157 13.23 -14.08 4.47
CA GLY D 157 14.03 -14.65 5.53
C GLY D 157 14.67 -15.98 5.23
N LYS D 158 14.87 -16.29 3.95
CA LYS D 158 15.55 -17.52 3.55
C LYS D 158 17.09 -17.44 3.59
N SER D 159 17.63 -16.24 3.35
CA SER D 159 19.02 -15.92 3.69
C SER D 159 19.05 -14.65 4.56
N PRO D 160 19.98 -14.59 5.53
CA PRO D 160 20.06 -13.41 6.41
C PRO D 160 20.65 -12.17 5.72
N VAL D 161 21.48 -12.36 4.69
CA VAL D 161 22.13 -11.25 4.02
C VAL D 161 22.23 -11.48 2.50
N ALA D 162 22.32 -10.39 1.76
CA ALA D 162 22.69 -10.41 0.34
C ALA D 162 23.87 -9.47 0.07
N VAL D 163 24.59 -9.71 -1.04
CA VAL D 163 25.68 -8.84 -1.49
C VAL D 163 25.37 -8.30 -2.89
N LEU D 164 25.40 -6.97 -3.01
CA LEU D 164 25.18 -6.28 -4.27
C LEU D 164 26.42 -5.44 -4.65
N GLU D 165 26.58 -5.19 -5.95
CA GLU D 165 27.55 -4.21 -6.41
C GLU D 165 26.97 -2.82 -6.14
N PRO D 166 27.80 -1.86 -5.67
CA PRO D 166 27.30 -0.54 -5.27
C PRO D 166 26.43 0.23 -6.27
N SER D 167 26.77 0.23 -7.56
CA SER D 167 25.98 1.01 -8.52
C SER D 167 24.57 0.43 -8.68
N ILE D 168 24.44 -0.89 -8.54
CA ILE D 168 23.13 -1.55 -8.61
C ILE D 168 22.31 -1.28 -7.32
N ALA D 169 22.93 -1.44 -6.16
CA ALA D 169 22.32 -1.15 -4.86
C ALA D 169 21.70 0.26 -4.81
N GLN D 170 22.43 1.24 -5.32
CA GLN D 170 21.97 2.62 -5.39
C GLN D 170 20.62 2.79 -6.08
N VAL D 171 20.43 2.03 -7.16
CA VAL D 171 19.22 2.07 -7.98
C VAL D 171 18.10 1.23 -7.34
N VAL D 172 18.37 -0.03 -7.00
CA VAL D 172 17.27 -0.97 -6.69
C VAL D 172 16.68 -0.86 -5.27
N LEU D 173 17.51 -0.42 -4.32
CA LEU D 173 17.11 -0.46 -2.91
C LEU D 173 16.07 0.59 -2.53
N LYS D 174 15.84 1.58 -3.39
CA LYS D 174 14.74 2.55 -3.20
C LYS D 174 13.38 1.84 -3.13
N ASP D 175 13.28 0.65 -3.72
CA ASP D 175 12.02 -0.12 -3.72
C ASP D 175 11.90 -1.07 -2.51
N PHE D 176 12.93 -1.10 -1.68
CA PHE D 176 12.99 -2.02 -0.54
C PHE D 176 13.25 -1.30 0.80
N PRO D 177 12.25 -0.53 1.27
CA PRO D 177 12.42 0.21 2.54
C PRO D 177 12.76 -0.65 3.76
N ALA D 178 12.41 -1.94 3.74
CA ALA D 178 12.73 -2.85 4.84
C ALA D 178 14.22 -3.19 4.95
N LEU D 179 14.97 -2.99 3.87
CA LEU D 179 16.35 -3.43 3.82
C LEU D 179 17.31 -2.34 4.27
N SER D 180 18.26 -2.73 5.09
CA SER D 180 19.36 -1.88 5.52
C SER D 180 20.67 -2.32 4.86
N THR D 181 21.69 -1.48 4.93
CA THR D 181 22.97 -1.76 4.28
C THR D 181 24.21 -1.55 5.16
N ALA D 182 25.28 -2.26 4.83
CA ALA D 182 26.61 -2.04 5.40
C ALA D 182 27.64 -2.17 4.28
N THR D 183 28.72 -1.40 4.37
CA THR D 183 29.79 -1.42 3.36
C THR D 183 30.77 -2.56 3.64
N ILE D 184 31.05 -3.36 2.61
CA ILE D 184 32.12 -4.34 2.64
C ILE D 184 33.30 -3.76 1.84
N ASP D 185 34.39 -3.41 2.51
CA ASP D 185 35.56 -2.92 1.77
C ASP D 185 36.36 -4.09 1.20
N LEU D 186 36.65 -4.02 -0.09
CA LEU D 186 37.52 -5.01 -0.72
C LEU D 186 38.99 -4.72 -0.44
N PRO D 187 39.77 -5.79 -0.19
CA PRO D 187 41.22 -5.63 -0.14
C PRO D 187 41.67 -5.21 -1.54
N GLU D 188 42.71 -4.38 -1.60
CA GLU D 188 43.17 -3.79 -2.86
C GLU D 188 43.44 -4.84 -3.94
N ASP D 189 43.97 -6.01 -3.55
CA ASP D 189 44.24 -7.06 -4.54
C ASP D 189 42.98 -7.65 -5.18
N GLN D 190 41.81 -7.29 -4.65
CA GLN D 190 40.51 -7.73 -5.19
C GLN D 190 39.75 -6.66 -5.97
N TRP D 191 40.32 -5.46 -6.10
CA TRP D 191 39.67 -4.40 -6.85
C TRP D 191 39.64 -4.73 -8.33
N VAL D 192 38.55 -4.36 -9.00
CA VAL D 192 38.50 -4.34 -10.45
C VAL D 192 38.05 -2.94 -10.85
N LEU D 193 38.83 -2.27 -11.69
CA LEU D 193 38.59 -0.87 -11.98
C LEU D 193 38.03 -0.71 -13.39
N GLY D 194 36.96 -1.44 -13.66
CA GLY D 194 36.37 -1.50 -15.00
C GLY D 194 37.18 -2.37 -15.95
N TYR D 195 36.97 -2.17 -17.24
CA TYR D 195 37.64 -2.92 -18.29
C TYR D 195 38.60 -1.98 -19.04
N GLY D 196 39.75 -2.48 -19.45
CA GLY D 196 40.76 -1.63 -20.07
C GLY D 196 41.49 -2.21 -21.27
N ILE D 197 42.02 -1.33 -22.10
CA ILE D 197 42.89 -1.70 -23.22
C ILE D 197 44.33 -1.76 -22.70
N GLY D 198 44.96 -2.92 -22.87
CA GLY D 198 46.37 -3.12 -22.47
C GLY D 198 47.40 -2.59 -23.46
N VAL D 199 48.41 -1.89 -22.96
CA VAL D 199 49.52 -1.34 -23.75
C VAL D 199 50.83 -1.62 -22.99
N ALA D 200 51.86 -2.04 -23.73
CA ALA D 200 53.18 -2.28 -23.13
C ALA D 200 53.68 -1.07 -22.34
N SER D 201 54.26 -1.34 -21.17
CA SER D 201 54.80 -0.31 -20.28
C SER D 201 55.91 0.54 -20.93
N ASP D 202 56.64 -0.06 -21.86
CA ASP D 202 57.70 0.64 -22.60
C ASP D 202 57.19 1.31 -23.90
N ARG D 203 55.87 1.48 -23.98
CA ARG D 203 55.25 2.22 -25.08
C ARG D 203 54.25 3.27 -24.60
N PRO D 204 54.67 4.19 -23.70
CA PRO D 204 53.69 5.13 -23.12
C PRO D 204 53.14 6.15 -24.12
N ALA D 205 53.92 6.54 -25.13
CA ALA D 205 53.42 7.43 -26.19
C ALA D 205 52.22 6.84 -26.93
N LEU D 206 52.25 5.52 -27.15
CA LEU D 206 51.15 4.84 -27.82
C LEU D 206 49.92 4.80 -26.92
N ALA D 207 50.14 4.55 -25.63
CA ALA D 207 49.08 4.52 -24.62
C ALA D 207 48.35 5.86 -24.58
N LEU D 208 49.10 6.96 -24.68
CA LEU D 208 48.52 8.31 -24.71
C LEU D 208 47.71 8.59 -25.97
N LYS D 209 48.16 8.08 -27.12
CA LYS D 209 47.40 8.18 -28.37
C LYS D 209 46.09 7.39 -28.28
N ILE D 210 46.15 6.19 -27.72
CA ILE D 210 44.95 5.36 -27.55
C ILE D 210 43.97 6.01 -26.57
N GLU D 211 44.50 6.59 -25.49
CA GLU D 211 43.68 7.36 -24.55
C GLU D 211 42.97 8.55 -25.20
N ALA D 212 43.70 9.36 -25.97
CA ALA D 212 43.09 10.46 -26.71
C ALA D 212 41.94 9.96 -27.62
N ALA D 213 42.19 8.85 -28.31
CA ALA D 213 41.19 8.25 -29.21
C ALA D 213 39.91 7.81 -28.46
N VAL D 214 40.08 7.12 -27.35
CA VAL D 214 38.94 6.70 -26.51
C VAL D 214 38.14 7.91 -26.01
N GLN D 215 38.83 8.97 -25.56
CA GLN D 215 38.16 10.19 -25.08
C GLN D 215 37.31 10.85 -26.18
N GLU D 216 37.86 10.89 -27.40
CA GLU D 216 37.17 11.45 -28.56
C GLU D 216 35.95 10.62 -28.97
N ILE D 217 36.10 9.29 -28.98
CA ILE D 217 35.00 8.36 -29.29
CA ILE D 217 34.96 8.45 -29.33
C ILE D 217 33.87 8.50 -28.25
N ARG D 218 34.28 8.74 -27.00
CA ARG D 218 33.33 8.95 -25.90
C ARG D 218 32.51 10.24 -26.06
N LYS D 219 33.21 11.34 -26.35
CA LYS D 219 32.57 12.66 -26.45
C LYS D 219 31.67 12.78 -27.67
N GLU D 220 32.04 12.08 -28.75
CA GLU D 220 31.23 12.03 -29.97
C GLU D 220 29.96 11.19 -29.79
N GLY D 221 29.89 10.42 -28.70
CA GLY D 221 28.73 9.60 -28.38
C GLY D 221 28.78 8.21 -28.98
N VAL D 222 29.87 7.89 -29.69
CA VAL D 222 30.02 6.59 -30.35
C VAL D 222 30.17 5.44 -29.34
N LEU D 223 30.90 5.69 -28.27
CA LEU D 223 31.09 4.70 -27.22
C LEU D 223 29.74 4.24 -26.61
N ALA D 224 28.87 5.19 -26.28
CA ALA D 224 27.52 4.88 -25.75
C ALA D 224 26.67 4.14 -26.78
N GLU D 225 26.83 4.53 -28.05
CA GLU D 225 26.14 3.92 -29.18
C GLU D 225 26.51 2.43 -29.31
N LEU D 226 27.81 2.12 -29.21
CA LEU D 226 28.31 0.73 -29.20
C LEU D 226 27.84 -0.08 -27.97
N GLU D 227 27.86 0.56 -26.80
CA GLU D 227 27.36 -0.10 -25.56
C GLU D 227 25.92 -0.60 -25.74
N GLN D 228 25.08 0.28 -26.29
CA GLN D 228 23.67 -0.03 -26.53
C GLN D 228 23.49 -1.12 -27.59
N LYS D 229 24.16 -0.95 -28.72
CA LYS D 229 24.08 -1.87 -29.84
C LYS D 229 24.49 -3.30 -29.46
N TRP D 230 25.56 -3.43 -28.70
CA TRP D 230 26.08 -4.74 -28.26
C TRP D 230 25.47 -5.27 -26.94
N GLY D 231 24.52 -4.53 -26.38
CA GLY D 231 23.80 -4.96 -25.16
C GLY D 231 24.65 -5.03 -23.88
N LEU D 232 25.64 -4.16 -23.76
CA LEU D 232 26.48 -4.13 -22.56
C LEU D 232 25.71 -3.81 -21.28
N ASN D 233 24.68 -2.99 -21.41
CA ASN D 233 23.73 -2.72 -20.31
C ASN D 233 23.11 -3.97 -19.67
N ASN D 234 23.18 -5.09 -20.37
CA ASN D 234 22.57 -6.35 -19.92
C ASN D 234 23.55 -7.51 -19.81
N LEU D 235 24.83 -7.16 -19.71
CA LEU D 235 25.94 -8.09 -19.55
C LEU D 235 25.68 -9.17 -18.51
N GLU D 236 25.84 -10.44 -18.91
CA GLU D 236 25.56 -11.57 -18.02
C GLU D 236 26.76 -12.00 -17.18
N HIS D 237 27.93 -11.97 -17.79
CA HIS D 237 29.15 -12.46 -17.17
C HIS D 237 30.10 -11.29 -16.94
N HIS D 238 30.10 -10.78 -15.71
CA HIS D 238 30.88 -9.61 -15.33
C HIS D 238 32.31 -10.00 -14.96
N HIS D 239 33.28 -9.25 -15.50
CA HIS D 239 34.69 -9.41 -15.14
C HIS D 239 35.15 -10.87 -15.19
N HIS D 240 34.83 -11.53 -16.31
CA HIS D 240 35.24 -12.93 -16.57
C HIS D 240 36.76 -13.12 -16.60
N HIS D 241 37.50 -12.04 -16.87
CA HIS D 241 38.96 -12.07 -16.91
C HIS D 241 39.59 -11.16 -15.84
N HIS D 242 39.46 -11.55 -14.58
CA HIS D 242 40.07 -10.81 -13.49
C HIS D 242 41.25 -11.59 -12.89
#